data_6MVS
#
_entry.id   6MVS
#
_cell.length_a   79.046
_cell.length_b   158.970
_cell.length_c   62.440
_cell.angle_alpha   90.000
_cell.angle_beta   90.000
_cell.angle_gamma   90.000
#
_symmetry.space_group_name_H-M   'P 21 21 2'
#
loop_
_entity.id
_entity.type
_entity.pdbx_description
1 polymer 'Aldehyde dehydrogenase'
2 non-polymer NICOTINAMIDE-ADENINE-DINUCLEOTIDE
3 non-polymer GLYCEROL
4 non-polymer 'SULFATE ION'
5 water water
#
_entity_poly.entity_id   1
_entity_poly.type   'polypeptide(L)'
_entity_poly.pdbx_seq_one_letter_code
;SMTVKEIFETMDYGPAPESAKEAYAWLAEKGDFGHFIGGAWTAPGDLFATVNPATGQTLAQVSQATQADVDAAVKAARKA
QPAWAKDGAARARVLYALARLLQKHARLFAVLETLDNGKPIREARDIDVPLAQRHFYHHAGYAQLMGTEMPDRAPLGVCG
QVIPWNFPLLMLAWKIAPALAMGNTVVLKPAEWTPLTALLFADICGQAGVPAGVVNIVTGDGAVGEMIVTAQVDKVAFTG
STAVGRRIREATAGTGKALSLELGGKGPYVVCDDADIDSAVEGLVDAIWFNQGQVCCAGSRLLVQEGIADVFHAKLRARM
DSLRIGDPLDKCIDIGAMVHPDQLARVRDMVAANTDGEVYQTAVPAGCYYPPTLISGLAPASPLMQQEIFGPVLVSTTFR
TPAEAVEIANNTAYGLAASVWSENVNLALDLAPKLVAGIVWINGTNMMDAAAPFGGVRESGFGREGGWEGLAGYTRPAIA
TKSPAAVAAYTGDGAADGLDRTAKLYIGGKQTRPDGGYSRAVYGPKGKLLGHASLSNRKDLRNAVEAMNAASGWSRTTGH
LRAQILYFIGENLSARADEFANRIKDMTGKDGKAEVAASIDRLFSAAAWADKYDGQVKGVPLRGVALAMKEPVGKIGILC
PDAAPLLGLVSLMAPAIAMGNRVTLAASEAFPLAATDFYQVLDTSDVPAGVVNILTGAHADLAEPMARHLDLDAVWGLSG
HAQVIEAASAGNLKRSWTGPFDPAHDHTRDILSHATEVKTIWVPYGA
;
_entity_poly.pdbx_strand_id   A
#
# COMPACT_ATOMS: atom_id res chain seq x y z
N ALA A 16 14.74 -36.95 -16.08
CA ALA A 16 15.14 -36.10 -17.19
C ALA A 16 14.63 -34.68 -16.99
N PRO A 17 15.54 -33.70 -17.06
CA PRO A 17 15.14 -32.31 -16.86
C PRO A 17 14.38 -31.75 -18.06
N GLU A 18 13.68 -30.64 -17.82
CA GLU A 18 12.91 -29.98 -18.87
C GLU A 18 13.84 -29.44 -19.96
N SER A 19 13.40 -29.56 -21.21
CA SER A 19 14.20 -29.07 -22.33
C SER A 19 14.15 -27.56 -22.41
N ALA A 20 15.31 -26.94 -22.60
CA ALA A 20 15.42 -25.51 -22.77
C ALA A 20 15.68 -25.11 -24.22
N LYS A 21 15.55 -26.07 -25.15
CA LYS A 21 15.93 -25.82 -26.54
C LYS A 21 15.15 -24.63 -27.13
N GLU A 22 13.83 -24.60 -26.91
CA GLU A 22 13.06 -23.49 -27.48
C GLU A 22 13.45 -22.16 -26.84
N ALA A 23 13.72 -22.14 -25.54
CA ALA A 23 14.13 -20.90 -24.89
C ALA A 23 15.47 -20.41 -25.44
N TYR A 24 16.44 -21.32 -25.60
CA TYR A 24 17.72 -20.94 -26.18
C TYR A 24 17.54 -20.41 -27.60
N ALA A 25 16.62 -21.02 -28.36
CA ALA A 25 16.39 -20.56 -29.73
C ALA A 25 15.81 -19.15 -29.75
N TRP A 26 14.88 -18.87 -28.84
CA TRP A 26 14.35 -17.51 -28.79
C TRP A 26 15.43 -16.51 -28.39
N LEU A 27 16.29 -16.87 -27.42
CA LEU A 27 17.36 -15.98 -27.02
C LEU A 27 18.34 -15.75 -28.17
N ALA A 28 18.59 -16.79 -28.97
CA ALA A 28 19.48 -16.65 -30.12
C ALA A 28 18.86 -15.74 -31.18
N GLU A 29 17.54 -15.81 -31.36
CA GLU A 29 16.86 -14.94 -32.32
C GLU A 29 16.92 -13.49 -31.89
N LYS A 30 16.67 -13.23 -30.62
CA LYS A 30 16.63 -11.85 -30.16
C LYS A 30 18.02 -11.25 -30.05
N GLY A 31 19.07 -12.08 -29.99
CA GLY A 31 20.43 -11.59 -29.95
C GLY A 31 20.64 -10.69 -28.74
N ASP A 32 21.59 -9.78 -28.86
CA ASP A 32 21.72 -8.74 -27.85
C ASP A 32 20.46 -7.87 -27.88
N PHE A 33 19.92 -7.57 -26.71
CA PHE A 33 18.66 -6.85 -26.62
C PHE A 33 18.86 -5.36 -26.53
N GLY A 34 18.04 -4.61 -27.26
CA GLY A 34 17.71 -3.25 -26.94
C GLY A 34 16.45 -3.19 -26.11
N HIS A 35 15.67 -2.13 -26.31
CA HIS A 35 14.43 -1.93 -25.57
C HIS A 35 13.24 -2.06 -26.50
N PHE A 36 12.08 -2.23 -25.89
CA PHE A 36 10.81 -2.31 -26.61
C PHE A 36 10.12 -0.97 -26.40
N ILE A 37 10.14 -0.13 -27.43
CA ILE A 37 9.67 1.25 -27.34
C ILE A 37 8.83 1.56 -28.57
N GLY A 38 7.64 2.11 -28.36
CA GLY A 38 6.80 2.50 -29.48
C GLY A 38 6.42 1.35 -30.38
N GLY A 39 6.31 0.15 -29.83
CA GLY A 39 5.95 -1.02 -30.59
C GLY A 39 7.08 -1.71 -31.31
N ALA A 40 8.31 -1.21 -31.20
CA ALA A 40 9.45 -1.73 -31.95
C ALA A 40 10.65 -1.95 -31.04
N TRP A 41 11.57 -2.83 -31.48
CA TRP A 41 12.80 -3.10 -30.77
C TRP A 41 13.89 -2.12 -31.17
N THR A 42 14.52 -1.47 -30.19
CA THR A 42 15.59 -0.53 -30.47
C THR A 42 16.94 -1.24 -30.52
N ALA A 43 17.93 -0.54 -31.05
CA ALA A 43 19.25 -1.14 -31.21
C ALA A 43 19.87 -1.43 -29.84
N PRO A 44 20.62 -2.53 -29.71
CA PRO A 44 21.33 -2.77 -28.45
C PRO A 44 22.32 -1.64 -28.18
N GLY A 45 22.47 -1.33 -26.90
CA GLY A 45 23.34 -0.23 -26.51
C GLY A 45 24.46 -0.66 -25.60
N ASP A 46 24.50 -0.06 -24.41
CA ASP A 46 25.50 -0.34 -23.37
C ASP A 46 25.12 -1.66 -22.69
N LEU A 47 25.82 -2.74 -23.07
CA LEU A 47 25.36 -4.08 -22.73
C LEU A 47 25.89 -4.57 -21.40
N PHE A 48 25.08 -5.38 -20.71
CA PHE A 48 25.51 -6.15 -19.56
C PHE A 48 24.85 -7.52 -19.61
N ALA A 49 25.48 -8.48 -18.96
CA ALA A 49 25.04 -9.86 -19.09
C ALA A 49 23.93 -10.17 -18.11
N THR A 50 23.00 -11.01 -18.53
CA THR A 50 22.13 -11.72 -17.60
C THR A 50 22.58 -13.17 -17.62
N VAL A 51 22.85 -13.70 -16.44
CA VAL A 51 23.54 -14.97 -16.29
C VAL A 51 22.59 -15.97 -15.65
N ASN A 52 22.58 -17.19 -16.16
CA ASN A 52 21.86 -18.29 -15.52
C ASN A 52 22.54 -18.59 -14.19
N PRO A 53 21.87 -18.37 -13.05
CA PRO A 53 22.58 -18.55 -11.76
C PRO A 53 22.92 -19.99 -11.46
N ALA A 54 22.22 -20.95 -12.07
CA ALA A 54 22.48 -22.35 -11.81
C ALA A 54 23.72 -22.85 -12.53
N THR A 55 24.08 -22.26 -13.67
CA THR A 55 25.20 -22.72 -14.46
C THR A 55 26.33 -21.71 -14.58
N GLY A 56 26.09 -20.43 -14.32
CA GLY A 56 27.05 -19.38 -14.57
C GLY A 56 27.17 -18.97 -16.02
N GLN A 57 26.39 -19.55 -16.92
CA GLN A 57 26.46 -19.20 -18.33
C GLN A 57 25.69 -17.91 -18.61
N THR A 58 26.26 -17.06 -19.45
CA THR A 58 25.52 -15.89 -19.91
C THR A 58 24.37 -16.32 -20.82
N LEU A 59 23.17 -15.89 -20.48
CA LEU A 59 21.99 -16.20 -21.28
C LEU A 59 21.84 -15.23 -22.45
N ALA A 60 22.12 -13.96 -22.22
CA ALA A 60 21.94 -12.92 -23.22
C ALA A 60 22.62 -11.67 -22.70
N GLN A 61 22.89 -10.75 -23.62
CA GLN A 61 23.27 -9.39 -23.28
C GLN A 61 22.06 -8.47 -23.39
N VAL A 62 21.86 -7.60 -22.41
CA VAL A 62 20.74 -6.66 -22.41
C VAL A 62 21.32 -5.28 -22.16
N SER A 63 20.55 -4.25 -22.54
CA SER A 63 21.04 -2.87 -22.54
C SER A 63 20.75 -2.16 -21.23
N GLN A 64 21.71 -1.35 -20.77
CA GLN A 64 21.46 -0.37 -19.71
C GLN A 64 20.86 0.86 -20.38
N ALA A 65 19.57 1.10 -20.14
CA ALA A 65 18.90 2.20 -20.84
C ALA A 65 19.54 3.54 -20.50
N THR A 66 19.52 4.44 -21.48
CA THR A 66 19.96 5.82 -21.30
C THR A 66 18.78 6.71 -20.93
N GLN A 67 19.09 7.94 -20.51
CA GLN A 67 18.04 8.93 -20.31
C GLN A 67 17.24 9.15 -21.58
N ALA A 68 17.91 9.17 -22.74
CA ALA A 68 17.21 9.32 -24.01
C ALA A 68 16.22 8.18 -24.23
N ASP A 69 16.61 6.96 -23.86
CA ASP A 69 15.72 5.81 -24.00
C ASP A 69 14.48 5.98 -23.14
N VAL A 70 14.66 6.35 -21.87
CA VAL A 70 13.52 6.52 -20.99
C VAL A 70 12.62 7.64 -21.49
N ASP A 71 13.22 8.76 -21.94
CA ASP A 71 12.45 9.84 -22.55
C ASP A 71 11.60 9.33 -23.71
N ALA A 72 12.22 8.56 -24.60
CA ALA A 72 11.51 8.03 -25.76
C ALA A 72 10.39 7.08 -25.35
N ALA A 73 10.65 6.23 -24.36
CA ALA A 73 9.62 5.29 -23.90
C ALA A 73 8.41 6.04 -23.38
N VAL A 74 8.64 7.07 -22.56
CA VAL A 74 7.54 7.81 -21.98
C VAL A 74 6.82 8.62 -23.07
N LYS A 75 7.58 9.19 -24.01
CA LYS A 75 6.95 9.90 -25.13
C LYS A 75 6.07 8.97 -25.94
N ALA A 76 6.51 7.73 -26.17
CA ALA A 76 5.72 6.79 -26.96
C ALA A 76 4.48 6.37 -26.18
N ALA A 77 4.64 6.15 -24.87
CA ALA A 77 3.50 5.78 -24.05
C ALA A 77 2.48 6.91 -24.03
N ARG A 78 2.94 8.15 -23.96
CA ARG A 78 2.04 9.29 -23.95
C ARG A 78 1.32 9.43 -25.28
N LYS A 79 2.05 9.27 -26.39
CA LYS A 79 1.44 9.38 -27.71
C LYS A 79 0.32 8.35 -27.90
N ALA A 80 0.50 7.14 -27.36
CA ALA A 80 -0.48 6.08 -27.56
C ALA A 80 -1.68 6.16 -26.62
N GLN A 81 -1.61 6.94 -25.56
CA GLN A 81 -2.56 6.71 -24.49
C GLN A 81 -4.00 7.16 -24.81
N PRO A 82 -4.23 8.33 -25.42
CA PRO A 82 -5.64 8.73 -25.62
C PRO A 82 -6.44 7.81 -26.53
N ALA A 83 -5.85 7.30 -27.62
CA ALA A 83 -6.57 6.32 -28.44
C ALA A 83 -6.80 5.02 -27.68
N TRP A 84 -5.83 4.60 -26.86
CA TRP A 84 -5.99 3.37 -26.08
C TRP A 84 -7.10 3.53 -25.05
N ALA A 85 -7.17 4.69 -24.40
CA ALA A 85 -8.19 4.96 -23.40
C ALA A 85 -9.60 5.00 -23.98
N LYS A 86 -9.73 5.21 -25.28
CA LYS A 86 -11.03 5.56 -25.85
C LYS A 86 -12.00 4.37 -25.81
N ASP A 87 -11.53 3.16 -26.07
CA ASP A 87 -12.40 2.00 -26.30
C ASP A 87 -12.06 0.88 -25.31
N GLY A 88 -12.84 0.80 -24.23
CA GLY A 88 -12.57 -0.22 -23.22
C GLY A 88 -12.79 -1.62 -23.73
N ALA A 89 -13.83 -1.81 -24.56
CA ALA A 89 -14.07 -3.13 -25.14
C ALA A 89 -12.86 -3.58 -25.95
N ALA A 90 -12.23 -2.66 -26.68
CA ALA A 90 -11.06 -3.03 -27.46
C ALA A 90 -9.90 -3.41 -26.55
N ARG A 91 -9.72 -2.69 -25.43
CA ARG A 91 -8.65 -3.07 -24.49
C ARG A 91 -8.90 -4.46 -23.93
N ALA A 92 -10.16 -4.80 -23.64
CA ALA A 92 -10.46 -6.13 -23.11
C ALA A 92 -10.03 -7.21 -24.09
N ARG A 93 -10.26 -6.99 -25.39
CA ARG A 93 -9.87 -7.98 -26.38
C ARG A 93 -8.35 -8.18 -26.38
N VAL A 94 -7.60 -7.09 -26.22
CA VAL A 94 -6.14 -7.17 -26.20
C VAL A 94 -5.66 -7.87 -24.93
N LEU A 95 -6.26 -7.54 -23.79
CA LEU A 95 -5.86 -8.20 -22.54
C LEU A 95 -6.15 -9.69 -22.59
N TYR A 96 -7.32 -10.05 -23.16
CA TYR A 96 -7.65 -11.46 -23.36
C TYR A 96 -6.62 -12.13 -24.27
N ALA A 97 -6.23 -11.44 -25.35
CA ALA A 97 -5.26 -12.02 -26.28
C ALA A 97 -3.91 -12.22 -25.61
N LEU A 98 -3.50 -11.29 -24.76
CA LEU A 98 -2.27 -11.45 -23.99
C LEU A 98 -2.35 -12.69 -23.12
N ALA A 99 -3.49 -12.89 -22.44
CA ALA A 99 -3.65 -14.09 -21.62
C ALA A 99 -3.59 -15.35 -22.46
N ARG A 100 -4.21 -15.34 -23.64
CA ARG A 100 -4.16 -16.54 -24.49
C ARG A 100 -2.75 -16.83 -24.96
N LEU A 101 -1.95 -15.79 -25.20
CA LEU A 101 -0.56 -15.98 -25.62
C LEU A 101 0.32 -16.43 -24.47
N LEU A 102 0.07 -15.94 -23.25
CA LEU A 102 0.74 -16.50 -22.09
C LEU A 102 0.44 -17.98 -21.93
N GLN A 103 -0.81 -18.39 -22.20
CA GLN A 103 -1.17 -19.80 -22.08
C GLN A 103 -0.58 -20.62 -23.22
N LYS A 104 -0.63 -20.10 -24.44
CA LYS A 104 -0.10 -20.84 -25.58
C LYS A 104 1.40 -21.06 -25.44
N HIS A 105 2.13 -20.05 -24.95
CA HIS A 105 3.57 -20.14 -24.76
C HIS A 105 3.95 -20.39 -23.30
N ALA A 106 3.06 -21.00 -22.53
CA ALA A 106 3.30 -21.14 -21.09
C ALA A 106 4.61 -21.86 -20.80
N ARG A 107 4.91 -22.91 -21.57
CA ARG A 107 6.12 -23.69 -21.33
C ARG A 107 7.37 -22.86 -21.61
N LEU A 108 7.33 -22.03 -22.64
CA LEU A 108 8.46 -21.15 -22.95
C LEU A 108 8.66 -20.10 -21.85
N PHE A 109 7.59 -19.42 -21.45
CA PHE A 109 7.72 -18.46 -20.34
C PHE A 109 8.28 -19.16 -19.10
N ALA A 110 7.81 -20.36 -18.80
CA ALA A 110 8.23 -21.02 -17.58
C ALA A 110 9.71 -21.40 -17.62
N VAL A 111 10.17 -21.98 -18.73
CA VAL A 111 11.59 -22.33 -18.82
C VAL A 111 12.46 -21.08 -18.77
N LEU A 112 12.03 -20.02 -19.46
CA LEU A 112 12.82 -18.79 -19.45
C LEU A 112 12.92 -18.21 -18.04
N GLU A 113 11.83 -18.28 -17.28
CA GLU A 113 11.86 -17.79 -15.91
C GLU A 113 12.84 -18.61 -15.07
N THR A 114 12.81 -19.93 -15.20
CA THR A 114 13.75 -20.77 -14.48
C THR A 114 15.20 -20.48 -14.88
N LEU A 115 15.46 -20.33 -16.19
CA LEU A 115 16.83 -20.04 -16.63
C LEU A 115 17.35 -18.73 -16.04
N ASP A 116 16.49 -17.71 -16.05
CA ASP A 116 16.90 -16.35 -15.73
C ASP A 116 16.97 -16.12 -14.22
N ASN A 117 16.05 -16.72 -13.47
CA ASN A 117 15.91 -16.41 -12.04
C ASN A 117 16.41 -17.52 -11.12
N GLY A 118 16.45 -18.77 -11.57
CA GLY A 118 16.92 -19.88 -10.78
C GLY A 118 15.84 -20.71 -10.11
N LYS A 119 14.59 -20.28 -10.17
CA LYS A 119 13.52 -20.98 -9.47
C LYS A 119 13.22 -22.34 -10.11
N PRO A 120 12.77 -23.30 -9.32
CA PRO A 120 12.41 -24.62 -9.88
C PRO A 120 11.36 -24.52 -10.96
N ILE A 121 11.55 -25.29 -12.04
CA ILE A 121 10.61 -25.22 -13.16
C ILE A 121 9.21 -25.60 -12.73
N ARG A 122 9.08 -26.48 -11.73
CA ARG A 122 7.74 -26.84 -11.27
C ARG A 122 7.02 -25.64 -10.66
N GLU A 123 7.75 -24.74 -9.99
CA GLU A 123 7.09 -23.55 -9.49
C GLU A 123 6.72 -22.62 -10.63
N ALA A 124 7.64 -22.45 -11.59
CA ALA A 124 7.36 -21.56 -12.71
C ALA A 124 6.18 -22.05 -13.53
N ARG A 125 6.08 -23.37 -13.74
CA ARG A 125 4.99 -23.92 -14.55
C ARG A 125 3.66 -23.98 -13.80
N ASP A 126 3.69 -24.28 -12.50
CA ASP A 126 2.46 -24.50 -11.75
C ASP A 126 1.92 -23.23 -11.12
N ILE A 127 2.79 -22.27 -10.80
CA ILE A 127 2.40 -21.10 -10.02
C ILE A 127 2.55 -19.83 -10.86
N ASP A 128 3.79 -19.51 -11.24
CA ASP A 128 4.07 -18.19 -11.82
C ASP A 128 3.28 -17.95 -13.09
N VAL A 129 3.40 -18.84 -14.07
CA VAL A 129 2.79 -18.59 -15.38
C VAL A 129 1.27 -18.70 -15.28
N PRO A 130 0.69 -19.71 -14.61
CA PRO A 130 -0.78 -19.74 -14.52
C PRO A 130 -1.36 -18.52 -13.85
N LEU A 131 -0.71 -18.00 -12.80
CA LEU A 131 -1.25 -16.81 -12.15
C LEU A 131 -1.11 -15.59 -13.05
N ALA A 132 -0.05 -15.51 -13.86
CA ALA A 132 0.07 -14.42 -14.81
C ALA A 132 -1.03 -14.49 -15.86
N GLN A 133 -1.28 -15.69 -16.39
CA GLN A 133 -2.40 -15.87 -17.33
C GLN A 133 -3.70 -15.38 -16.73
N ARG A 134 -4.00 -15.88 -15.52
CA ARG A 134 -5.26 -15.54 -14.88
C ARG A 134 -5.37 -14.05 -14.61
N HIS A 135 -4.25 -13.39 -14.28
CA HIS A 135 -4.31 -11.96 -14.04
C HIS A 135 -4.78 -11.21 -15.28
N PHE A 136 -4.28 -11.60 -16.46
CA PHE A 136 -4.70 -10.95 -17.69
C PHE A 136 -6.12 -11.35 -18.10
N TYR A 137 -6.47 -12.64 -17.95
CA TYR A 137 -7.84 -13.05 -18.23
C TYR A 137 -8.83 -12.25 -17.40
N HIS A 138 -8.54 -12.15 -16.10
CA HIS A 138 -9.48 -11.55 -15.17
C HIS A 138 -9.58 -10.05 -15.41
N HIS A 139 -8.46 -9.38 -15.67
CA HIS A 139 -8.48 -7.93 -15.81
C HIS A 139 -9.03 -7.47 -17.15
N ALA A 140 -9.05 -8.35 -18.16
CA ALA A 140 -9.75 -8.02 -19.40
C ALA A 140 -11.16 -7.53 -19.11
N GLY A 141 -11.86 -8.20 -18.19
CA GLY A 141 -13.23 -7.86 -17.90
C GLY A 141 -13.39 -6.49 -17.27
N TYR A 142 -12.38 -6.02 -16.52
CA TYR A 142 -12.46 -4.67 -15.98
C TYR A 142 -12.44 -3.63 -17.10
N ALA A 143 -11.62 -3.85 -18.13
CA ALA A 143 -11.64 -2.94 -19.28
C ALA A 143 -13.02 -2.92 -19.91
N GLN A 144 -13.64 -4.09 -20.04
CA GLN A 144 -14.95 -4.18 -20.68
C GLN A 144 -16.00 -3.39 -19.89
N LEU A 145 -15.89 -3.41 -18.58
CA LEU A 145 -16.92 -2.85 -17.70
C LEU A 145 -16.59 -1.44 -17.23
N MET A 146 -15.40 -0.91 -17.56
CA MET A 146 -14.98 0.35 -16.95
C MET A 146 -15.98 1.47 -17.22
N GLY A 147 -16.42 1.61 -18.47
CA GLY A 147 -17.23 2.76 -18.85
C GLY A 147 -18.56 2.81 -18.11
N THR A 148 -19.19 1.66 -17.91
CA THR A 148 -20.51 1.64 -17.28
C THR A 148 -20.46 1.40 -15.78
N GLU A 149 -19.50 0.63 -15.28
CA GLU A 149 -19.44 0.35 -13.86
C GLU A 149 -18.54 1.30 -13.08
N MET A 150 -17.67 2.05 -13.76
CA MET A 150 -16.85 3.08 -13.11
C MET A 150 -17.02 4.43 -13.79
N PRO A 151 -18.27 4.90 -13.94
CA PRO A 151 -18.51 6.05 -14.83
C PRO A 151 -17.92 7.36 -14.32
N ASP A 152 -17.64 7.46 -13.02
CA ASP A 152 -17.05 8.66 -12.45
C ASP A 152 -15.52 8.67 -12.58
N ARG A 153 -14.93 7.65 -13.19
CA ARG A 153 -13.48 7.48 -13.26
C ARG A 153 -13.00 7.55 -14.70
N ALA A 154 -11.73 7.91 -14.86
CA ALA A 154 -11.03 7.99 -16.13
C ALA A 154 -9.60 7.50 -15.94
N PRO A 155 -8.90 7.16 -17.03
CA PRO A 155 -7.49 6.72 -16.90
C PRO A 155 -6.60 7.81 -16.30
N LEU A 156 -5.52 7.37 -15.65
CA LEU A 156 -4.54 8.34 -15.15
C LEU A 156 -3.66 8.87 -16.29
N GLY A 157 -3.28 8.00 -17.23
CA GLY A 157 -2.37 8.40 -18.28
C GLY A 157 -1.25 7.41 -18.51
N VAL A 158 -0.03 7.80 -18.17
CA VAL A 158 1.16 6.97 -18.36
C VAL A 158 1.65 6.52 -16.99
N CYS A 159 1.93 5.22 -16.87
CA CYS A 159 2.40 4.63 -15.63
C CYS A 159 3.85 4.19 -15.77
N GLY A 160 4.71 4.68 -14.88
CA GLY A 160 6.07 4.16 -14.76
C GLY A 160 6.09 3.06 -13.71
N GLN A 161 6.60 1.89 -14.10
CA GLN A 161 6.47 0.71 -13.26
C GLN A 161 7.83 0.04 -13.12
N VAL A 162 8.16 -0.33 -11.88
CA VAL A 162 9.48 -0.89 -11.54
C VAL A 162 9.26 -2.08 -10.61
N ILE A 163 9.89 -3.22 -10.92
CA ILE A 163 9.59 -4.47 -10.22
C ILE A 163 10.89 -5.20 -9.88
N PRO A 164 10.82 -6.16 -8.93
CA PRO A 164 12.04 -6.83 -8.46
C PRO A 164 12.27 -8.18 -9.16
N TRP A 165 13.23 -8.94 -8.64
CA TRP A 165 13.74 -10.14 -9.31
C TRP A 165 13.07 -11.44 -8.89
N ASN A 166 12.21 -11.45 -7.87
CA ASN A 166 11.84 -12.74 -7.29
C ASN A 166 10.79 -13.48 -8.11
N PHE A 167 9.82 -12.77 -8.67
CA PHE A 167 8.75 -13.36 -9.48
C PHE A 167 8.62 -12.51 -10.73
N PRO A 168 9.58 -12.60 -11.65
CA PRO A 168 9.68 -11.59 -12.71
C PRO A 168 8.42 -11.46 -13.58
N LEU A 169 7.93 -12.58 -14.13
CA LEU A 169 6.74 -12.49 -14.98
C LEU A 169 5.50 -12.12 -14.19
N LEU A 170 5.33 -12.71 -13.01
CA LEU A 170 4.11 -12.46 -12.26
C LEU A 170 4.08 -11.03 -11.73
N MET A 171 5.24 -10.50 -11.31
CA MET A 171 5.29 -9.08 -10.93
C MET A 171 4.94 -8.18 -12.11
N LEU A 172 5.38 -8.54 -13.31
CA LEU A 172 4.99 -7.79 -14.51
C LEU A 172 3.48 -7.84 -14.70
N ALA A 173 2.87 -9.03 -14.57
CA ALA A 173 1.44 -9.13 -14.78
C ALA A 173 0.68 -8.27 -13.78
N TRP A 174 1.13 -8.26 -12.53
CA TRP A 174 0.46 -7.51 -11.48
C TRP A 174 0.50 -6.01 -11.74
N LYS A 175 1.52 -5.55 -12.47
CA LYS A 175 1.65 -4.15 -12.85
C LYS A 175 0.89 -3.84 -14.13
N ILE A 176 1.14 -4.60 -15.19
CA ILE A 176 0.65 -4.21 -16.51
C ILE A 176 -0.85 -4.45 -16.68
N ALA A 177 -1.38 -5.57 -16.15
CA ALA A 177 -2.78 -5.89 -16.41
C ALA A 177 -3.74 -4.83 -15.89
N PRO A 178 -3.69 -4.40 -14.63
CA PRO A 178 -4.64 -3.35 -14.22
C PRO A 178 -4.38 -2.00 -14.90
N ALA A 179 -3.13 -1.63 -15.14
CA ALA A 179 -2.85 -0.36 -15.78
C ALA A 179 -3.50 -0.30 -17.15
N LEU A 180 -3.32 -1.36 -17.94
CA LEU A 180 -3.90 -1.42 -19.27
C LEU A 180 -5.42 -1.48 -19.18
N ALA A 181 -5.95 -2.24 -18.22
CA ALA A 181 -7.40 -2.39 -18.15
C ALA A 181 -8.08 -1.03 -17.98
N MET A 182 -7.47 -0.16 -17.18
CA MET A 182 -8.01 1.15 -16.88
C MET A 182 -7.61 2.22 -17.89
N GLY A 183 -7.08 1.82 -19.05
CA GLY A 183 -6.84 2.76 -20.13
C GLY A 183 -5.55 3.53 -20.01
N ASN A 184 -4.62 3.06 -19.18
CA ASN A 184 -3.29 3.65 -19.10
C ASN A 184 -2.33 2.91 -20.04
N THR A 185 -1.22 3.57 -20.33
CA THR A 185 -0.07 2.96 -21.00
C THR A 185 1.07 2.89 -20.00
N VAL A 186 2.07 2.05 -20.29
CA VAL A 186 3.08 1.72 -19.29
C VAL A 186 4.48 1.82 -19.86
N VAL A 187 5.40 2.24 -19.01
CA VAL A 187 6.83 2.06 -19.19
C VAL A 187 7.28 1.23 -17.99
N LEU A 188 7.66 -0.02 -18.22
CA LEU A 188 8.02 -0.92 -17.13
C LEU A 188 9.47 -1.35 -17.25
N LYS A 189 10.16 -1.36 -16.12
CA LYS A 189 11.54 -1.83 -16.07
C LYS A 189 11.62 -3.09 -15.20
N PRO A 190 12.02 -4.22 -15.73
CA PRO A 190 12.26 -5.39 -14.87
C PRO A 190 13.56 -5.21 -14.10
N ALA A 191 13.76 -6.11 -13.14
CA ALA A 191 15.00 -6.09 -12.35
C ALA A 191 16.19 -6.39 -13.25
N GLU A 192 17.34 -5.79 -12.92
CA GLU A 192 18.51 -6.01 -13.75
C GLU A 192 18.94 -7.48 -13.75
N TRP A 193 18.66 -8.21 -12.68
CA TRP A 193 19.04 -9.63 -12.69
C TRP A 193 18.11 -10.52 -13.49
N THR A 194 16.88 -10.08 -13.80
CA THR A 194 15.87 -10.97 -14.38
C THR A 194 15.07 -10.25 -15.45
N PRO A 195 15.71 -9.85 -16.54
CA PRO A 195 15.01 -9.11 -17.59
C PRO A 195 14.27 -9.96 -18.61
N LEU A 196 14.51 -11.28 -18.65
CA LEU A 196 14.19 -12.02 -19.87
C LEU A 196 12.69 -12.25 -20.08
N THR A 197 11.93 -12.63 -19.03
CA THR A 197 10.51 -12.86 -19.31
C THR A 197 9.77 -11.57 -19.62
N ALA A 198 10.26 -10.43 -19.12
CA ALA A 198 9.66 -9.17 -19.52
C ALA A 198 9.96 -8.86 -20.98
N LEU A 199 11.13 -9.27 -21.46
CA LEU A 199 11.47 -9.07 -22.87
C LEU A 199 10.65 -10.01 -23.75
N LEU A 200 10.38 -11.23 -23.29
CA LEU A 200 9.49 -12.11 -24.05
C LEU A 200 8.07 -11.59 -24.03
N PHE A 201 7.63 -11.05 -22.89
CA PHE A 201 6.32 -10.41 -22.86
C PHE A 201 6.25 -9.27 -23.89
N ALA A 202 7.29 -8.44 -23.93
CA ALA A 202 7.36 -7.43 -24.98
C ALA A 202 7.23 -8.06 -26.36
N ASP A 203 7.88 -9.19 -26.57
CA ASP A 203 7.92 -9.80 -27.88
C ASP A 203 6.58 -10.40 -28.33
N ILE A 204 5.64 -10.63 -27.40
CA ILE A 204 4.31 -11.12 -27.77
C ILE A 204 3.28 -10.00 -27.86
N CYS A 205 3.64 -8.76 -27.53
CA CYS A 205 2.66 -7.67 -27.54
C CYS A 205 2.11 -7.42 -28.94
N GLY A 206 2.96 -7.43 -29.97
CA GLY A 206 2.46 -7.23 -31.32
C GLY A 206 1.43 -8.28 -31.71
N GLN A 207 1.75 -9.55 -31.45
CA GLN A 207 0.82 -10.65 -31.78
C GLN A 207 -0.51 -10.51 -31.06
N ALA A 208 -0.50 -9.92 -29.87
CA ALA A 208 -1.72 -9.76 -29.09
C ALA A 208 -2.54 -8.56 -29.53
N GLY A 209 -2.03 -7.78 -30.47
CA GLY A 209 -2.71 -6.58 -30.88
C GLY A 209 -2.53 -5.39 -29.98
N VAL A 210 -1.51 -5.41 -29.11
CA VAL A 210 -1.20 -4.23 -28.29
C VAL A 210 -0.81 -3.10 -29.25
N PRO A 211 -1.53 -1.98 -29.26
CA PRO A 211 -1.13 -0.89 -30.15
C PRO A 211 0.24 -0.35 -29.79
N ALA A 212 0.97 0.07 -30.83
CA ALA A 212 2.35 0.53 -30.65
C ALA A 212 2.43 1.60 -29.57
N GLY A 213 3.31 1.37 -28.59
CA GLY A 213 3.54 2.32 -27.53
C GLY A 213 2.64 2.17 -26.32
N VAL A 214 1.64 1.28 -26.37
CA VAL A 214 0.83 1.05 -25.18
C VAL A 214 1.65 0.33 -24.10
N VAL A 215 2.53 -0.58 -24.51
CA VAL A 215 3.46 -1.24 -23.60
C VAL A 215 4.88 -0.90 -24.05
N ASN A 216 5.70 -0.43 -23.11
CA ASN A 216 7.11 -0.18 -23.37
C ASN A 216 7.92 -0.84 -22.26
N ILE A 217 8.94 -1.61 -22.63
CA ILE A 217 9.80 -2.29 -21.66
C ILE A 217 11.21 -1.77 -21.85
N VAL A 218 11.79 -1.20 -20.79
CA VAL A 218 13.18 -0.79 -20.83
C VAL A 218 13.92 -1.54 -19.74
N THR A 219 15.19 -1.86 -20.01
CA THR A 219 16.00 -2.63 -19.07
C THR A 219 17.10 -1.75 -18.48
N GLY A 220 17.62 -2.20 -17.35
CA GLY A 220 18.69 -1.49 -16.67
C GLY A 220 18.61 -1.71 -15.18
N ASP A 221 19.55 -1.09 -14.46
CA ASP A 221 19.59 -1.22 -13.01
C ASP A 221 18.82 -0.08 -12.37
N GLY A 222 19.11 0.19 -11.09
CA GLY A 222 18.33 1.19 -10.37
C GLY A 222 18.43 2.59 -10.94
N ALA A 223 19.54 2.91 -11.61
CA ALA A 223 19.64 4.23 -12.21
C ALA A 223 18.58 4.43 -13.28
N VAL A 224 18.24 3.37 -14.01
CA VAL A 224 17.15 3.46 -14.98
C VAL A 224 15.81 3.55 -14.26
N GLY A 225 15.65 2.80 -13.17
CA GLY A 225 14.45 2.97 -12.33
C GLY A 225 14.25 4.41 -11.91
N GLU A 226 15.34 5.07 -11.51
CA GLU A 226 15.25 6.47 -11.07
C GLU A 226 14.78 7.38 -12.20
N MET A 227 15.29 7.16 -13.42
CA MET A 227 14.85 7.92 -14.58
C MET A 227 13.35 7.77 -14.81
N ILE A 228 12.83 6.54 -14.67
CA ILE A 228 11.40 6.33 -14.91
C ILE A 228 10.58 7.03 -13.83
N VAL A 229 11.02 6.91 -12.58
CA VAL A 229 10.28 7.47 -11.45
C VAL A 229 10.14 8.99 -11.59
N THR A 230 11.18 9.64 -12.10
CA THR A 230 11.19 11.09 -12.23
C THR A 230 10.75 11.57 -13.60
N ALA A 231 10.28 10.67 -14.46
CA ALA A 231 9.88 11.04 -15.82
C ALA A 231 8.50 11.68 -15.79
N GLN A 232 8.02 12.10 -16.97
CA GLN A 232 6.72 12.76 -17.08
C GLN A 232 5.60 11.72 -17.15
N VAL A 233 5.47 10.97 -16.07
CA VAL A 233 4.44 9.96 -15.95
C VAL A 233 3.41 10.44 -14.93
N ASP A 234 2.20 9.89 -15.04
CA ASP A 234 1.10 10.24 -14.15
C ASP A 234 1.06 9.38 -12.90
N LYS A 235 1.70 8.22 -12.94
CA LYS A 235 1.67 7.31 -11.80
C LYS A 235 2.99 6.55 -11.78
N VAL A 236 3.48 6.29 -10.57
CA VAL A 236 4.59 5.37 -10.35
C VAL A 236 4.06 4.19 -9.54
N ALA A 237 4.32 2.97 -10.01
CA ALA A 237 3.98 1.77 -9.26
C ALA A 237 5.23 0.94 -9.06
N PHE A 238 5.56 0.66 -7.82
CA PHE A 238 6.83 0.05 -7.46
C PHE A 238 6.62 -1.12 -6.53
N THR A 239 7.32 -2.21 -6.81
CA THR A 239 7.49 -3.31 -5.86
C THR A 239 8.99 -3.54 -5.67
N GLY A 240 9.42 -3.65 -4.42
CA GLY A 240 10.84 -3.78 -4.12
C GLY A 240 11.13 -3.38 -2.68
N SER A 241 12.38 -2.99 -2.45
CA SER A 241 12.87 -2.81 -1.07
C SER A 241 12.28 -1.57 -0.42
N THR A 242 12.15 -1.63 0.91
CA THR A 242 11.63 -0.50 1.67
C THR A 242 12.47 0.76 1.44
N ALA A 243 13.80 0.62 1.44
CA ALA A 243 14.66 1.78 1.28
C ALA A 243 14.46 2.44 -0.08
N VAL A 244 14.33 1.67 -1.15
CA VAL A 244 14.06 2.27 -2.45
C VAL A 244 12.66 2.89 -2.46
N GLY A 245 11.70 2.24 -1.80
CA GLY A 245 10.38 2.84 -1.66
C GLY A 245 10.43 4.22 -1.05
N ARG A 246 11.22 4.39 0.01
CA ARG A 246 11.37 5.72 0.61
C ARG A 246 11.95 6.71 -0.38
N ARG A 247 12.98 6.30 -1.13
CA ARG A 247 13.60 7.20 -2.09
C ARG A 247 12.61 7.59 -3.18
N ILE A 248 11.76 6.65 -3.59
CA ILE A 248 10.78 6.95 -4.63
C ILE A 248 9.74 7.93 -4.10
N ARG A 249 9.33 7.74 -2.84
CA ARG A 249 8.38 8.68 -2.26
C ARG A 249 8.98 10.08 -2.19
N GLU A 250 10.27 10.17 -1.84
CA GLU A 250 10.94 11.46 -1.82
C GLU A 250 11.08 12.04 -3.22
N ALA A 251 11.47 11.22 -4.19
CA ALA A 251 11.69 11.70 -5.55
C ALA A 251 10.39 12.14 -6.24
N THR A 252 9.24 11.65 -5.80
CA THR A 252 7.97 12.01 -6.42
C THR A 252 7.20 13.04 -5.61
N ALA A 253 7.75 13.48 -4.48
CA ALA A 253 7.03 14.41 -3.62
C ALA A 253 6.73 15.72 -4.36
N GLY A 254 5.49 16.19 -4.22
CA GLY A 254 5.05 17.45 -4.79
C GLY A 254 4.81 17.45 -6.28
N THR A 255 4.88 16.30 -6.95
CA THR A 255 4.74 16.24 -8.39
C THR A 255 3.33 15.96 -8.87
N GLY A 256 2.40 15.65 -7.96
CA GLY A 256 1.07 15.25 -8.34
C GLY A 256 0.96 13.84 -8.86
N LYS A 257 2.04 13.07 -8.86
CA LYS A 257 1.96 11.70 -9.37
C LYS A 257 1.23 10.82 -8.37
N ALA A 258 0.44 9.88 -8.88
CA ALA A 258 -0.05 8.81 -8.05
C ALA A 258 1.08 7.83 -7.76
N LEU A 259 1.02 7.18 -6.60
CA LEU A 259 2.10 6.29 -6.16
C LEU A 259 1.54 5.07 -5.44
N SER A 260 2.01 3.89 -5.81
CA SER A 260 1.76 2.70 -5.00
C SER A 260 3.10 2.03 -4.73
N LEU A 261 3.24 1.47 -3.52
CA LEU A 261 4.48 0.84 -3.06
C LEU A 261 4.15 -0.48 -2.39
N GLU A 262 4.68 -1.58 -2.92
CA GLU A 262 4.60 -2.88 -2.24
C GLU A 262 6.03 -3.22 -1.83
N LEU A 263 6.30 -3.19 -0.52
CA LEU A 263 7.68 -3.13 -0.03
C LEU A 263 8.09 -4.36 0.76
N GLY A 264 7.36 -5.47 0.62
CA GLY A 264 7.81 -6.68 1.26
C GLY A 264 7.66 -6.64 2.78
N GLY A 265 8.45 -7.49 3.43
CA GLY A 265 8.23 -7.76 4.83
C GLY A 265 7.59 -9.13 4.93
N LYS A 266 8.41 -10.13 5.22
CA LYS A 266 7.95 -11.51 5.22
C LYS A 266 7.10 -11.78 6.45
N GLY A 267 5.99 -12.48 6.25
CA GLY A 267 4.92 -12.50 7.20
C GLY A 267 4.97 -13.55 8.28
N PRO A 268 4.31 -13.27 9.39
CA PRO A 268 4.24 -14.25 10.49
C PRO A 268 3.29 -15.39 10.15
N TYR A 269 3.60 -16.54 10.75
CA TYR A 269 2.94 -17.81 10.46
C TYR A 269 2.59 -18.37 11.84
N VAL A 270 1.34 -18.22 12.25
CA VAL A 270 0.89 -18.47 13.62
C VAL A 270 0.27 -19.86 13.68
N VAL A 271 0.87 -20.74 14.48
CA VAL A 271 0.42 -22.13 14.61
C VAL A 271 -0.06 -22.33 16.04
N CYS A 272 -1.38 -22.50 16.20
CA CYS A 272 -1.99 -22.69 17.51
C CYS A 272 -1.91 -24.16 17.93
N ASP A 273 -2.10 -24.38 19.24
CA ASP A 273 -2.07 -25.73 19.80
C ASP A 273 -3.03 -26.69 19.09
N ASP A 274 -4.15 -26.18 18.55
CA ASP A 274 -5.13 -27.05 17.90
C ASP A 274 -5.06 -27.00 16.39
N ALA A 275 -3.92 -26.55 15.85
CA ALA A 275 -3.75 -26.53 14.41
C ALA A 275 -3.68 -27.97 13.88
N ASP A 276 -4.02 -28.12 12.60
CA ASP A 276 -3.70 -29.34 11.87
C ASP A 276 -2.18 -29.34 11.65
N ILE A 277 -1.46 -30.04 12.54
CA ILE A 277 0.00 -29.90 12.59
C ILE A 277 0.63 -30.28 11.25
N ASP A 278 0.25 -31.44 10.71
CA ASP A 278 0.92 -31.90 9.51
C ASP A 278 0.61 -31.00 8.32
N SER A 279 -0.63 -30.51 8.21
CA SER A 279 -0.92 -29.56 7.13
C SER A 279 -0.17 -28.25 7.34
N ALA A 280 -0.09 -27.78 8.60
CA ALA A 280 0.67 -26.58 8.87
C ALA A 280 2.16 -26.76 8.55
N VAL A 281 2.72 -27.92 8.87
CA VAL A 281 4.12 -28.17 8.54
C VAL A 281 4.30 -28.21 7.04
N GLU A 282 3.42 -28.93 6.33
CA GLU A 282 3.60 -29.06 4.89
C GLU A 282 3.39 -27.72 4.19
N GLY A 283 2.43 -26.92 4.66
CA GLY A 283 2.29 -25.59 4.08
C GLY A 283 3.52 -24.74 4.24
N LEU A 284 4.22 -24.88 5.38
CA LEU A 284 5.40 -24.07 5.62
C LEU A 284 6.57 -24.53 4.76
N VAL A 285 6.81 -25.84 4.73
CA VAL A 285 7.91 -26.38 3.92
CA VAL A 285 7.93 -26.34 3.93
C VAL A 285 7.71 -26.03 2.45
N ASP A 286 6.46 -26.11 1.98
CA ASP A 286 6.17 -25.78 0.59
C ASP A 286 6.27 -24.28 0.31
N ALA A 287 6.45 -23.46 1.34
CA ALA A 287 6.57 -22.01 1.17
C ALA A 287 8.01 -21.52 1.26
N ILE A 288 8.95 -22.38 1.63
CA ILE A 288 10.31 -21.93 1.92
C ILE A 288 10.96 -21.31 0.68
N TRP A 289 10.85 -21.97 -0.47
CA TRP A 289 11.44 -21.37 -1.66
C TRP A 289 10.69 -20.13 -2.10
N PHE A 290 9.35 -20.15 -1.96
CA PHE A 290 8.53 -19.04 -2.43
C PHE A 290 8.85 -17.75 -1.69
N ASN A 291 9.09 -17.83 -0.38
CA ASN A 291 9.17 -16.65 0.48
C ASN A 291 10.54 -15.99 0.33
N GLN A 292 10.74 -15.38 -0.82
CA GLN A 292 11.99 -14.66 -1.08
C GLN A 292 11.69 -13.35 -1.78
N GLY A 293 12.52 -12.35 -1.48
CA GLY A 293 12.34 -11.03 -2.04
C GLY A 293 11.12 -10.35 -1.44
N GLN A 294 10.69 -9.28 -2.11
CA GLN A 294 9.57 -8.46 -1.65
C GLN A 294 8.31 -8.96 -2.34
N VAL A 295 7.79 -10.07 -1.82
CA VAL A 295 6.52 -10.65 -2.26
C VAL A 295 5.62 -10.74 -1.05
N CYS A 296 4.32 -10.63 -1.29
CA CYS A 296 3.31 -10.89 -0.26
CA CYS A 296 3.32 -10.89 -0.27
C CYS A 296 3.37 -12.36 0.12
N CYS A 297 3.79 -12.66 1.36
CA CYS A 297 3.95 -14.06 1.74
C CYS A 297 3.95 -14.19 3.26
N ALA A 298 3.85 -15.43 3.73
CA ALA A 298 3.92 -15.69 5.15
C ALA A 298 4.58 -17.04 5.39
N GLY A 299 5.35 -17.12 6.46
CA GLY A 299 6.05 -18.35 6.78
C GLY A 299 7.43 -18.08 7.35
N SER A 300 8.02 -16.96 6.95
CA SER A 300 9.40 -16.69 7.34
C SER A 300 9.54 -16.43 8.83
N ARG A 301 8.53 -15.87 9.46
CA ARG A 301 8.49 -15.64 10.91
C ARG A 301 7.49 -16.63 11.50
N LEU A 302 8.01 -17.70 12.07
CA LEU A 302 7.19 -18.78 12.60
C LEU A 302 6.89 -18.53 14.06
N LEU A 303 5.60 -18.52 14.42
CA LEU A 303 5.16 -18.32 15.80
C LEU A 303 4.35 -19.55 16.20
N VAL A 304 4.88 -20.40 17.08
CA VAL A 304 4.24 -21.68 17.42
C VAL A 304 3.87 -21.70 18.89
N GLN A 305 2.64 -22.11 19.19
CA GLN A 305 2.22 -22.15 20.58
C GLN A 305 3.04 -23.17 21.35
N GLU A 306 3.38 -22.82 22.60
CA GLU A 306 4.43 -23.58 23.29
C GLU A 306 4.08 -25.05 23.52
N GLY A 307 2.79 -25.40 23.55
CA GLY A 307 2.43 -26.78 23.83
C GLY A 307 2.79 -27.74 22.71
N ILE A 308 2.84 -27.25 21.48
CA ILE A 308 3.13 -28.07 20.32
C ILE A 308 4.48 -27.72 19.69
N ALA A 309 5.22 -26.79 20.27
CA ALA A 309 6.38 -26.22 19.58
C ALA A 309 7.45 -27.27 19.31
N ASP A 310 7.75 -28.13 20.30
CA ASP A 310 8.81 -29.11 20.09
C ASP A 310 8.43 -30.11 19.01
N VAL A 311 7.19 -30.60 19.03
CA VAL A 311 6.76 -31.55 18.01
C VAL A 311 6.70 -30.89 16.64
N PHE A 312 6.20 -29.65 16.58
CA PHE A 312 6.13 -28.95 15.30
C PHE A 312 7.51 -28.78 14.70
N HIS A 313 8.47 -28.32 15.52
CA HIS A 313 9.83 -28.10 15.03
C HIS A 313 10.47 -29.40 14.57
N ALA A 314 10.29 -30.49 15.33
CA ALA A 314 10.89 -31.76 14.94
C ALA A 314 10.33 -32.25 13.60
N LYS A 315 9.02 -32.16 13.42
CA LYS A 315 8.43 -32.52 12.14
C LYS A 315 8.90 -31.60 11.02
N LEU A 316 9.03 -30.31 11.32
CA LEU A 316 9.43 -29.35 10.29
C LEU A 316 10.84 -29.64 9.79
N ARG A 317 11.78 -29.92 10.71
CA ARG A 317 13.16 -30.17 10.28
C ARG A 317 13.24 -31.39 9.38
N ALA A 318 12.49 -32.45 9.69
CA ALA A 318 12.52 -33.63 8.82
C ALA A 318 11.84 -33.38 7.49
N ARG A 319 10.75 -32.60 7.47
CA ARG A 319 10.15 -32.24 6.20
C ARG A 319 11.08 -31.35 5.40
N MET A 320 11.82 -30.46 6.07
CA MET A 320 12.84 -29.68 5.37
C MET A 320 13.88 -30.58 4.72
N ASP A 321 14.23 -31.68 5.37
CA ASP A 321 15.20 -32.61 4.81
C ASP A 321 14.71 -33.24 3.51
N SER A 322 13.39 -33.37 3.34
CA SER A 322 12.86 -34.02 2.14
C SER A 322 12.85 -33.09 0.93
N LEU A 323 13.11 -31.79 1.10
CA LEU A 323 13.18 -30.88 -0.03
C LEU A 323 14.37 -31.23 -0.92
N ARG A 324 14.12 -31.33 -2.23
CA ARG A 324 15.18 -31.67 -3.17
C ARG A 324 15.81 -30.38 -3.70
N ILE A 325 17.13 -30.29 -3.56
CA ILE A 325 17.89 -29.12 -3.99
C ILE A 325 18.70 -29.51 -5.21
N GLY A 326 18.66 -28.68 -6.25
CA GLY A 326 19.51 -29.00 -7.39
C GLY A 326 19.03 -28.27 -8.64
N ASP A 327 19.36 -28.89 -9.79
CA ASP A 327 19.08 -28.37 -11.13
C ASP A 327 17.65 -27.87 -11.24
N PRO A 328 17.44 -26.55 -11.37
CA PRO A 328 16.06 -26.03 -11.45
C PRO A 328 15.28 -26.49 -12.66
N LEU A 329 15.93 -26.98 -13.71
CA LEU A 329 15.19 -27.49 -14.85
C LEU A 329 14.62 -28.89 -14.61
N ASP A 330 14.98 -29.52 -13.49
CA ASP A 330 14.45 -30.83 -13.12
C ASP A 330 13.13 -30.63 -12.39
N LYS A 331 12.04 -31.18 -12.95
CA LYS A 331 10.70 -30.94 -12.41
C LYS A 331 10.51 -31.54 -11.03
N CYS A 332 11.43 -32.39 -10.56
CA CYS A 332 11.33 -32.93 -9.21
C CYS A 332 12.02 -32.06 -8.16
N ILE A 333 12.63 -30.97 -8.56
CA ILE A 333 13.43 -30.15 -7.65
C ILE A 333 12.53 -29.15 -6.94
N ASP A 334 12.78 -28.95 -5.64
CA ASP A 334 12.00 -28.06 -4.79
C ASP A 334 12.72 -26.78 -4.44
N ILE A 335 14.05 -26.81 -4.39
CA ILE A 335 14.90 -25.69 -4.00
C ILE A 335 15.84 -25.43 -5.18
N GLY A 336 15.68 -24.29 -5.82
CA GLY A 336 16.48 -23.96 -6.99
C GLY A 336 17.76 -23.25 -6.63
N ALA A 337 18.30 -22.52 -7.60
CA ALA A 337 19.50 -21.73 -7.40
C ALA A 337 19.15 -20.35 -6.86
N MET A 338 20.02 -19.81 -6.00
CA MET A 338 19.85 -18.42 -5.61
C MET A 338 20.00 -17.52 -6.83
N VAL A 339 19.24 -16.43 -6.83
CA VAL A 339 19.06 -15.62 -8.04
C VAL A 339 20.39 -15.05 -8.54
N HIS A 340 21.35 -14.83 -7.65
CA HIS A 340 22.59 -14.13 -8.03
C HIS A 340 23.60 -14.32 -6.90
N PRO A 341 24.90 -14.34 -7.20
CA PRO A 341 25.89 -14.44 -6.10
C PRO A 341 25.78 -13.35 -5.06
N ASP A 342 25.35 -12.13 -5.45
CA ASP A 342 25.14 -11.07 -4.47
C ASP A 342 24.09 -11.48 -3.44
N GLN A 343 23.05 -12.20 -3.88
CA GLN A 343 22.00 -12.60 -2.95
C GLN A 343 22.46 -13.76 -2.07
N LEU A 344 23.21 -14.70 -2.65
CA LEU A 344 23.83 -15.75 -1.85
C LEU A 344 24.69 -15.15 -0.75
N ALA A 345 25.51 -14.15 -1.09
CA ALA A 345 26.34 -13.51 -0.09
C ALA A 345 25.51 -12.82 0.99
N ARG A 346 24.40 -12.19 0.58
CA ARG A 346 23.50 -11.52 1.53
C ARG A 346 22.95 -12.51 2.56
N VAL A 347 22.56 -13.70 2.11
CA VAL A 347 22.03 -14.71 3.03
C VAL A 347 23.12 -15.25 3.93
N ARG A 348 24.29 -15.58 3.36
CA ARG A 348 25.41 -16.02 4.17
CA ARG A 348 25.41 -16.02 4.18
C ARG A 348 25.78 -14.98 5.22
N ASP A 349 25.79 -13.70 4.84
CA ASP A 349 26.17 -12.66 5.79
C ASP A 349 25.13 -12.53 6.90
N MET A 350 23.86 -12.64 6.55
CA MET A 350 22.81 -12.54 7.56
C MET A 350 22.97 -13.63 8.61
N VAL A 351 23.18 -14.87 8.15
CA VAL A 351 23.40 -15.97 9.08
C VAL A 351 24.68 -15.78 9.88
N ALA A 352 25.72 -15.23 9.24
CA ALA A 352 26.97 -15.01 9.95
C ALA A 352 26.83 -13.96 11.05
N ALA A 353 25.91 -13.00 10.88
CA ALA A 353 25.74 -11.91 11.83
C ALA A 353 24.85 -12.30 13.00
N ASN A 354 24.11 -13.39 12.90
CA ASN A 354 23.23 -13.82 13.97
C ASN A 354 23.98 -14.68 14.98
N THR A 355 23.78 -14.41 16.27
CA THR A 355 24.29 -15.31 17.30
C THR A 355 23.19 -15.95 18.13
N ASP A 356 21.93 -15.66 17.85
CA ASP A 356 20.82 -16.13 18.68
C ASP A 356 20.24 -17.43 18.15
N GLY A 357 19.68 -18.22 19.07
CA GLY A 357 18.90 -19.39 18.69
C GLY A 357 19.75 -20.57 18.26
N GLU A 358 19.05 -21.57 17.71
CA GLU A 358 19.65 -22.82 17.26
C GLU A 358 19.43 -22.95 15.76
N VAL A 359 20.52 -23.10 15.02
CA VAL A 359 20.47 -23.06 13.56
C VAL A 359 20.51 -24.49 13.02
N TYR A 360 19.51 -24.85 12.22
CA TYR A 360 19.49 -26.12 11.50
C TYR A 360 19.49 -25.85 10.00
N GLN A 361 20.37 -26.53 9.28
CA GLN A 361 20.42 -26.43 7.83
C GLN A 361 20.42 -27.83 7.24
N THR A 362 19.66 -28.02 6.17
CA THR A 362 19.70 -29.28 5.46
C THR A 362 21.02 -29.36 4.68
N ALA A 363 21.25 -30.46 4.00
CA ALA A 363 22.43 -30.52 3.15
C ALA A 363 22.31 -29.50 2.02
N VAL A 364 23.44 -29.21 1.36
CA VAL A 364 23.43 -28.27 0.25
C VAL A 364 24.40 -28.73 -0.84
N PRO A 365 24.03 -28.63 -2.11
CA PRO A 365 24.99 -28.90 -3.19
C PRO A 365 25.88 -27.70 -3.45
N ALA A 366 26.94 -27.93 -4.21
CA ALA A 366 27.94 -26.90 -4.46
C ALA A 366 27.44 -25.91 -5.51
N GLY A 367 27.82 -24.64 -5.34
CA GLY A 367 27.51 -23.60 -6.31
C GLY A 367 26.60 -22.54 -5.70
N CYS A 368 25.71 -22.02 -6.53
CA CYS A 368 24.83 -20.93 -6.10
C CYS A 368 23.57 -21.47 -5.43
N TYR A 369 23.75 -22.37 -4.48
CA TYR A 369 22.65 -22.96 -3.73
C TYR A 369 22.81 -22.62 -2.25
N TYR A 370 21.69 -22.28 -1.62
CA TYR A 370 21.67 -22.15 -0.18
C TYR A 370 20.59 -23.08 0.38
N PRO A 371 20.87 -23.80 1.46
CA PRO A 371 19.92 -24.83 1.94
C PRO A 371 18.79 -24.22 2.74
N PRO A 372 17.63 -24.89 2.77
CA PRO A 372 16.59 -24.52 3.75
C PRO A 372 17.19 -24.47 5.14
N THR A 373 16.87 -23.41 5.87
CA THR A 373 17.49 -23.12 7.16
C THR A 373 16.41 -22.73 8.16
N LEU A 374 16.46 -23.29 9.36
CA LEU A 374 15.53 -22.98 10.43
C LEU A 374 16.32 -22.50 11.63
N ILE A 375 16.04 -21.28 12.09
CA ILE A 375 16.67 -20.74 13.29
C ILE A 375 15.60 -20.66 14.36
N SER A 376 15.65 -21.56 15.33
CA SER A 376 14.60 -21.72 16.32
C SER A 376 15.11 -21.29 17.70
N GLY A 377 14.21 -21.33 18.67
CA GLY A 377 14.60 -21.00 20.03
C GLY A 377 14.84 -19.52 20.25
N LEU A 378 14.33 -18.68 19.36
CA LEU A 378 14.51 -17.24 19.48
C LEU A 378 13.54 -16.65 20.48
N ALA A 379 13.95 -15.56 21.10
CA ALA A 379 13.02 -14.85 21.98
C ALA A 379 12.19 -13.88 21.16
N PRO A 380 10.98 -13.54 21.61
CA PRO A 380 10.16 -12.56 20.87
C PRO A 380 10.86 -11.24 20.61
N ALA A 381 11.76 -10.83 21.48
CA ALA A 381 12.47 -9.56 21.32
C ALA A 381 13.76 -9.69 20.52
N SER A 382 14.13 -10.90 20.11
CA SER A 382 15.38 -11.10 19.38
C SER A 382 15.38 -10.25 18.12
N PRO A 383 16.53 -9.69 17.73
CA PRO A 383 16.57 -8.87 16.50
C PRO A 383 16.22 -9.65 15.26
N LEU A 384 16.49 -10.95 15.24
CA LEU A 384 16.21 -11.75 14.06
C LEU A 384 14.71 -11.82 13.79
N MET A 385 13.89 -11.76 14.83
CA MET A 385 12.44 -11.75 14.64
C MET A 385 11.92 -10.44 14.05
N GLN A 386 12.75 -9.39 13.99
CA GLN A 386 12.31 -8.10 13.52
C GLN A 386 13.02 -7.59 12.26
N GLN A 387 14.20 -8.13 11.93
CA GLN A 387 14.92 -7.66 10.76
C GLN A 387 14.43 -8.39 9.51
N GLU A 388 14.71 -7.80 8.35
CA GLU A 388 14.40 -8.47 7.09
C GLU A 388 15.14 -9.79 7.03
N ILE A 389 14.45 -10.82 6.56
CA ILE A 389 15.01 -12.16 6.43
CA ILE A 389 15.01 -12.16 6.43
C ILE A 389 15.26 -12.42 4.96
N PHE A 390 16.46 -12.88 4.64
CA PHE A 390 16.85 -13.17 3.26
C PHE A 390 17.04 -14.67 3.08
N GLY A 391 16.77 -15.14 1.86
CA GLY A 391 17.05 -16.52 1.51
C GLY A 391 15.99 -17.48 1.99
N PRO A 392 16.24 -18.78 1.81
CA PRO A 392 15.31 -19.83 2.24
C PRO A 392 15.43 -20.11 3.74
N VAL A 393 15.17 -19.08 4.53
CA VAL A 393 15.45 -19.08 5.96
C VAL A 393 14.17 -18.78 6.73
N LEU A 394 13.88 -19.61 7.75
CA LEU A 394 12.79 -19.39 8.69
C LEU A 394 13.35 -19.08 10.06
N VAL A 395 12.71 -18.16 10.78
CA VAL A 395 13.04 -17.90 12.18
C VAL A 395 11.79 -18.13 13.02
N SER A 396 11.97 -18.67 14.22
CA SER A 396 10.82 -19.14 15.00
CA SER A 396 10.81 -19.11 15.00
C SER A 396 10.95 -18.73 16.47
N THR A 397 9.79 -18.45 17.07
CA THR A 397 9.67 -18.21 18.49
C THR A 397 8.36 -18.85 18.94
N THR A 398 8.15 -18.93 20.24
CA THR A 398 6.94 -19.54 20.78
C THR A 398 6.06 -18.50 21.45
N PHE A 399 4.79 -18.86 21.66
CA PHE A 399 3.87 -18.02 22.42
C PHE A 399 3.04 -18.91 23.34
N ARG A 400 2.49 -18.30 24.39
CA ARG A 400 1.65 -19.05 25.31
C ARG A 400 0.16 -18.88 25.00
N THR A 401 -0.29 -17.64 24.84
CA THR A 401 -1.70 -17.33 24.59
C THR A 401 -1.87 -16.76 23.20
N PRO A 402 -3.09 -16.85 22.65
CA PRO A 402 -3.35 -16.18 21.36
C PRO A 402 -3.09 -14.69 21.41
N ALA A 403 -3.40 -14.02 22.53
CA ALA A 403 -3.12 -12.59 22.64
C ALA A 403 -1.63 -12.31 22.53
N GLU A 404 -0.80 -13.20 23.07
CA GLU A 404 0.64 -13.01 22.94
C GLU A 404 1.10 -13.23 21.51
N ALA A 405 0.46 -14.18 20.81
CA ALA A 405 0.77 -14.39 19.40
C ALA A 405 0.51 -13.12 18.60
N VAL A 406 -0.63 -12.47 18.85
CA VAL A 406 -0.95 -11.23 18.16
C VAL A 406 0.10 -10.17 18.45
N GLU A 407 0.48 -10.05 19.73
CA GLU A 407 1.48 -9.06 20.11
C GLU A 407 2.82 -9.31 19.43
N ILE A 408 3.27 -10.57 19.39
CA ILE A 408 4.54 -10.87 18.73
C ILE A 408 4.43 -10.62 17.23
N ALA A 409 3.32 -11.06 16.63
CA ALA A 409 3.16 -10.93 15.18
C ALA A 409 3.18 -9.47 14.76
N ASN A 410 2.56 -8.60 15.56
CA ASN A 410 2.46 -7.19 15.21
C ASN A 410 3.66 -6.36 15.68
N ASN A 411 4.66 -6.98 16.30
CA ASN A 411 5.80 -6.22 16.83
C ASN A 411 6.91 -6.07 15.80
N THR A 412 6.57 -5.59 14.60
CA THR A 412 7.56 -5.22 13.60
C THR A 412 7.14 -3.94 12.91
N ALA A 413 8.05 -3.41 12.10
CA ALA A 413 7.76 -2.24 11.30
C ALA A 413 6.94 -2.58 10.06
N TYR A 414 6.72 -3.85 9.79
CA TYR A 414 6.07 -4.30 8.56
C TYR A 414 4.59 -4.59 8.78
N GLY A 415 3.90 -4.89 7.69
CA GLY A 415 2.52 -5.33 7.74
C GLY A 415 2.05 -5.71 6.36
N LEU A 416 2.33 -6.95 5.94
CA LEU A 416 1.96 -7.32 4.58
C LEU A 416 1.01 -8.51 4.63
N ALA A 417 1.53 -9.74 4.72
CA ALA A 417 0.66 -10.90 4.82
C ALA A 417 0.93 -11.64 6.12
N ALA A 418 -0.04 -12.49 6.50
CA ALA A 418 0.08 -13.31 7.69
C ALA A 418 -0.72 -14.59 7.48
N SER A 419 -0.35 -15.64 8.19
CA SER A 419 -1.03 -16.93 8.14
CA SER A 419 -1.04 -16.93 8.15
C SER A 419 -1.38 -17.36 9.56
N VAL A 420 -2.57 -17.92 9.74
CA VAL A 420 -3.03 -18.39 11.04
C VAL A 420 -3.57 -19.81 10.89
N TRP A 421 -3.08 -20.72 11.73
CA TRP A 421 -3.46 -22.13 11.68
C TRP A 421 -4.15 -22.53 12.97
N SER A 422 -5.41 -22.98 12.84
CA SER A 422 -6.19 -23.50 13.95
C SER A 422 -7.38 -24.23 13.36
N GLU A 423 -7.73 -25.37 13.95
CA GLU A 423 -8.90 -26.11 13.51
C GLU A 423 -10.19 -25.59 14.14
N ASN A 424 -10.10 -24.61 15.03
CA ASN A 424 -11.27 -24.09 15.72
C ASN A 424 -11.87 -22.92 14.95
N VAL A 425 -13.18 -23.01 14.69
CA VAL A 425 -13.82 -21.99 13.86
C VAL A 425 -13.73 -20.61 14.50
N ASN A 426 -13.76 -20.54 15.83
CA ASN A 426 -13.71 -19.24 16.50
C ASN A 426 -12.33 -18.65 16.49
N LEU A 427 -11.34 -19.43 16.94
CA LEU A 427 -10.01 -18.90 17.18
C LEU A 427 -9.42 -18.28 15.91
N ALA A 428 -9.58 -18.99 14.78
CA ALA A 428 -9.00 -18.54 13.52
C ALA A 428 -9.55 -17.18 13.12
N LEU A 429 -10.88 -17.04 13.09
CA LEU A 429 -11.54 -15.80 12.70
C LEU A 429 -11.50 -14.74 13.77
N ASP A 430 -11.15 -15.10 15.01
CA ASP A 430 -10.92 -14.09 16.03
C ASP A 430 -9.54 -13.45 15.90
N LEU A 431 -8.53 -14.23 15.52
CA LEU A 431 -7.15 -13.72 15.45
C LEU A 431 -6.93 -12.88 14.19
N ALA A 432 -7.51 -13.30 13.07
CA ALA A 432 -7.25 -12.65 11.78
C ALA A 432 -7.46 -11.14 11.79
N PRO A 433 -8.60 -10.60 12.26
CA PRO A 433 -8.75 -9.13 12.24
C PRO A 433 -7.77 -8.41 13.14
N LYS A 434 -7.20 -9.08 14.15
CA LYS A 434 -6.28 -8.42 15.08
C LYS A 434 -4.88 -8.27 14.51
N LEU A 435 -4.54 -9.02 13.48
CA LEU A 435 -3.19 -8.93 12.92
C LEU A 435 -3.07 -7.72 12.00
N VAL A 436 -1.97 -7.00 12.14
CA VAL A 436 -1.66 -5.87 11.28
C VAL A 436 -1.13 -6.43 9.97
N ALA A 437 -1.93 -6.35 8.91
CA ALA A 437 -1.60 -6.99 7.65
C ALA A 437 -2.60 -6.55 6.59
N GLY A 438 -2.18 -6.64 5.33
CA GLY A 438 -3.09 -6.47 4.22
C GLY A 438 -3.79 -7.77 3.80
N ILE A 439 -3.23 -8.91 4.21
CA ILE A 439 -3.74 -10.23 3.83
C ILE A 439 -3.57 -11.16 5.01
N VAL A 440 -4.61 -11.91 5.35
CA VAL A 440 -4.51 -12.97 6.34
C VAL A 440 -5.07 -14.25 5.74
N TRP A 441 -4.27 -15.30 5.71
CA TRP A 441 -4.70 -16.61 5.23
C TRP A 441 -5.01 -17.50 6.43
N ILE A 442 -6.21 -18.07 6.44
CA ILE A 442 -6.57 -19.03 7.48
C ILE A 442 -6.29 -20.43 6.96
N ASN A 443 -5.46 -21.17 7.70
CA ASN A 443 -5.15 -22.56 7.36
C ASN A 443 -4.64 -22.69 5.93
N GLY A 444 -3.78 -21.75 5.55
CA GLY A 444 -3.11 -21.78 4.28
C GLY A 444 -2.06 -20.69 4.29
N THR A 445 -1.31 -20.61 3.22
CA THR A 445 -0.40 -19.48 3.05
C THR A 445 -0.14 -19.25 1.57
N ASN A 446 0.26 -18.03 1.24
CA ASN A 446 0.65 -17.65 -0.12
C ASN A 446 -0.43 -17.97 -1.14
N MET A 447 -1.69 -17.79 -0.74
CA MET A 447 -2.80 -17.97 -1.67
C MET A 447 -3.03 -16.68 -2.46
N MET A 448 -3.05 -16.78 -3.78
CA MET A 448 -3.12 -15.61 -4.64
C MET A 448 -4.19 -15.79 -5.71
N ASP A 449 -4.91 -14.70 -6.01
CA ASP A 449 -5.86 -14.69 -7.11
C ASP A 449 -6.06 -13.28 -7.64
N ALA A 450 -6.33 -13.17 -8.95
CA ALA A 450 -6.47 -11.87 -9.58
C ALA A 450 -7.60 -11.04 -8.99
N ALA A 451 -8.62 -11.68 -8.42
CA ALA A 451 -9.75 -10.96 -7.84
C ALA A 451 -9.50 -10.52 -6.41
N ALA A 452 -8.45 -11.03 -5.78
CA ALA A 452 -8.24 -10.83 -4.36
C ALA A 452 -7.15 -9.79 -4.15
N PRO A 453 -7.44 -8.64 -3.57
CA PRO A 453 -6.43 -7.59 -3.49
C PRO A 453 -5.34 -7.93 -2.50
N PHE A 454 -4.14 -7.44 -2.78
CA PHE A 454 -3.03 -7.64 -1.86
C PHE A 454 -2.19 -6.38 -1.80
N GLY A 455 -1.59 -6.18 -0.63
CA GLY A 455 -0.74 -5.00 -0.44
C GLY A 455 -0.53 -4.79 1.04
N GLY A 456 0.24 -3.74 1.34
CA GLY A 456 0.79 -3.54 2.66
C GLY A 456 0.19 -2.40 3.46
N VAL A 457 0.59 -2.38 4.73
CA VAL A 457 0.40 -1.25 5.65
C VAL A 457 1.74 -0.98 6.33
N ARG A 458 1.79 0.06 7.16
CA ARG A 458 3.05 0.42 7.80
C ARG A 458 4.15 0.53 6.76
N GLU A 459 5.33 -0.01 7.05
CA GLU A 459 6.46 0.12 6.15
C GLU A 459 6.47 -0.94 5.07
N SER A 460 5.43 -1.76 4.99
CA SER A 460 5.25 -2.60 3.82
C SER A 460 4.64 -1.83 2.65
N GLY A 461 4.28 -0.56 2.84
CA GLY A 461 3.81 0.28 1.75
C GLY A 461 2.35 0.67 1.78
N PHE A 462 1.80 0.94 0.60
CA PHE A 462 0.39 1.31 0.47
C PHE A 462 -0.05 1.03 -0.96
N GLY A 463 -1.37 1.03 -1.15
CA GLY A 463 -1.96 0.61 -2.40
C GLY A 463 -2.30 -0.87 -2.39
N ARG A 464 -3.22 -1.24 -3.27
CA ARG A 464 -3.61 -2.64 -3.42
C ARG A 464 -3.55 -3.02 -4.88
N GLU A 465 -3.17 -4.28 -5.12
CA GLU A 465 -3.12 -4.84 -6.46
C GLU A 465 -4.05 -6.04 -6.51
N GLY A 466 -4.86 -6.11 -7.56
CA GLY A 466 -5.86 -7.15 -7.70
C GLY A 466 -7.25 -6.68 -7.32
N GLY A 467 -8.26 -7.30 -7.93
CA GLY A 467 -9.66 -7.01 -7.64
C GLY A 467 -10.13 -5.65 -8.13
N TRP A 468 -11.44 -5.42 -7.96
CA TRP A 468 -11.99 -4.08 -8.14
C TRP A 468 -11.20 -3.07 -7.33
N GLU A 469 -10.77 -3.48 -6.13
CA GLU A 469 -10.08 -2.57 -5.23
C GLU A 469 -8.77 -2.06 -5.84
N GLY A 470 -8.09 -2.89 -6.63
CA GLY A 470 -6.83 -2.44 -7.20
C GLY A 470 -6.97 -1.43 -8.32
N LEU A 471 -8.17 -1.20 -8.83
CA LEU A 471 -8.34 -0.36 -10.01
C LEU A 471 -8.32 1.13 -9.69
N ALA A 472 -8.75 1.54 -8.50
CA ALA A 472 -8.91 2.97 -8.23
C ALA A 472 -7.59 3.71 -8.38
N GLY A 473 -6.50 3.10 -7.92
CA GLY A 473 -5.18 3.68 -8.03
C GLY A 473 -4.67 3.82 -9.45
N TYR A 474 -5.33 3.19 -10.44
CA TYR A 474 -4.99 3.39 -11.83
C TYR A 474 -5.97 4.33 -12.54
N THR A 475 -6.73 5.11 -11.76
CA THR A 475 -7.71 6.03 -12.32
C THR A 475 -7.71 7.33 -11.54
N ARG A 476 -8.44 8.28 -12.10
CA ARG A 476 -8.69 9.58 -11.50
CA ARG A 476 -8.69 9.58 -11.48
C ARG A 476 -10.14 9.96 -11.77
N PRO A 477 -10.69 10.92 -11.03
CA PRO A 477 -12.05 11.37 -11.31
C PRO A 477 -12.23 11.84 -12.75
N ALA A 478 -13.37 11.46 -13.34
CA ALA A 478 -13.68 11.87 -14.70
C ALA A 478 -13.81 13.38 -14.80
N ILE A 479 -14.38 14.01 -13.78
CA ILE A 479 -14.45 15.46 -13.68
C ILE A 479 -13.52 15.88 -12.55
N ALA A 480 -12.54 16.71 -12.85
CA ALA A 480 -11.53 17.05 -11.88
C ALA A 480 -12.05 18.14 -10.95
N THR A 481 -11.64 18.07 -9.68
CA THR A 481 -11.84 19.19 -8.78
C THR A 481 -10.53 19.95 -8.62
N LYS A 482 -10.64 21.17 -8.10
CA LYS A 482 -9.49 22.05 -7.92
C LYS A 482 -9.59 22.65 -6.53
N SER A 483 -8.50 22.56 -5.78
CA SER A 483 -8.51 23.13 -4.44
C SER A 483 -8.61 24.65 -4.51
N PRO A 484 -9.37 25.27 -3.62
CA PRO A 484 -9.43 26.75 -3.62
C PRO A 484 -8.09 27.37 -3.30
N ALA A 485 -7.89 28.58 -3.82
CA ALA A 485 -6.66 29.32 -3.54
C ALA A 485 -6.56 29.67 -2.05
N ALA A 486 -5.31 29.79 -1.59
CA ALA A 486 -5.10 30.20 -0.20
C ALA A 486 -5.68 31.59 0.02
N VAL A 487 -6.05 31.88 1.27
CA VAL A 487 -6.63 33.17 1.62
C VAL A 487 -5.83 33.75 2.76
N ALA A 488 -5.32 34.96 2.57
CA ALA A 488 -4.58 35.64 3.64
C ALA A 488 -5.53 36.05 4.75
N ALA A 489 -5.09 35.87 5.99
CA ALA A 489 -5.88 36.34 7.12
C ALA A 489 -6.01 37.85 7.05
N TYR A 490 -7.17 38.36 7.47
CA TYR A 490 -7.35 39.80 7.51
C TYR A 490 -6.51 40.41 8.63
N THR A 491 -6.10 41.65 8.43
CA THR A 491 -5.32 42.41 9.40
C THR A 491 -6.21 43.45 10.08
N GLY A 492 -5.67 44.05 11.14
CA GLY A 492 -6.44 45.04 11.86
C GLY A 492 -5.54 45.90 12.71
N ASP A 493 -6.13 46.95 13.28
CA ASP A 493 -5.35 47.99 13.95
C ASP A 493 -4.57 47.43 15.14
N GLY A 494 -5.17 46.54 15.90
CA GLY A 494 -4.50 45.91 17.02
C GLY A 494 -4.82 46.45 18.39
N ALA A 495 -5.99 47.05 18.58
CA ALA A 495 -6.38 47.52 19.90
C ALA A 495 -6.73 46.34 20.80
N ALA A 496 -6.47 46.50 22.10
CA ALA A 496 -6.61 45.42 23.05
C ALA A 496 -8.07 44.98 23.17
N ASP A 497 -8.26 43.81 23.78
CA ASP A 497 -9.57 43.19 23.93
C ASP A 497 -9.88 43.06 25.42
N GLY A 498 -10.87 43.81 25.90
CA GLY A 498 -11.27 43.76 27.29
C GLY A 498 -12.13 42.57 27.67
N LEU A 499 -12.66 41.86 26.68
CA LEU A 499 -13.42 40.63 26.91
C LEU A 499 -12.53 39.41 26.69
N ASP A 500 -12.99 38.27 27.20
CA ASP A 500 -12.25 37.02 27.09
C ASP A 500 -12.70 36.34 25.80
N ARG A 501 -11.92 36.51 24.72
CA ARG A 501 -12.30 35.94 23.43
C ARG A 501 -11.13 35.20 22.80
N THR A 502 -10.28 34.60 23.63
CA THR A 502 -9.13 33.84 23.18
C THR A 502 -9.50 32.36 23.15
N ALA A 503 -9.61 31.81 21.95
CA ALA A 503 -9.89 30.40 21.77
C ALA A 503 -8.65 29.56 22.04
N LYS A 504 -8.87 28.31 22.43
CA LYS A 504 -7.85 27.36 22.84
C LYS A 504 -7.73 26.25 21.79
N LEU A 505 -7.08 25.16 22.18
CA LEU A 505 -7.03 23.94 21.39
C LEU A 505 -7.99 22.91 21.97
N TYR A 506 -8.29 21.86 21.19
CA TYR A 506 -9.16 20.79 21.65
C TYR A 506 -8.43 19.46 21.51
N ILE A 507 -8.02 18.88 22.64
CA ILE A 507 -7.16 17.70 22.64
C ILE A 507 -7.65 16.75 23.73
N GLY A 508 -7.83 15.48 23.38
CA GLY A 508 -8.16 14.47 24.39
C GLY A 508 -9.42 14.78 25.17
N GLY A 509 -10.45 15.29 24.50
CA GLY A 509 -11.72 15.49 25.16
C GLY A 509 -11.82 16.75 25.98
N LYS A 510 -10.84 17.65 25.89
CA LYS A 510 -10.97 18.90 26.62
C LYS A 510 -10.17 20.00 25.95
N GLN A 511 -10.56 21.23 26.25
CA GLN A 511 -9.81 22.38 25.76
C GLN A 511 -8.48 22.47 26.48
N THR A 512 -7.44 22.89 25.75
CA THR A 512 -6.09 22.99 26.30
CA THR A 512 -6.10 22.99 26.32
C THR A 512 -5.42 24.24 25.79
N ARG A 513 -4.62 24.88 26.65
CA ARG A 513 -3.82 26.01 26.22
C ARG A 513 -2.75 25.54 25.24
N PRO A 514 -2.37 26.36 24.28
CA PRO A 514 -1.22 26.00 23.42
C PRO A 514 0.05 25.95 24.24
N ASP A 515 0.84 24.90 24.01
CA ASP A 515 2.07 24.70 24.77
C ASP A 515 3.00 25.92 24.67
N GLY A 516 3.05 26.54 23.49
CA GLY A 516 3.89 27.70 23.26
C GLY A 516 3.37 29.00 23.83
N GLY A 517 2.10 29.03 24.23
CA GLY A 517 1.54 30.20 24.91
C GLY A 517 1.06 31.32 24.02
N TYR A 518 1.22 31.24 22.71
CA TYR A 518 0.90 32.36 21.83
C TYR A 518 -0.45 32.20 21.16
N SER A 519 -1.09 33.35 20.91
CA SER A 519 -2.31 33.43 20.14
CA SER A 519 -2.31 33.42 20.14
C SER A 519 -2.23 34.64 19.24
N ARG A 520 -2.89 34.56 18.09
CA ARG A 520 -2.93 35.69 17.17
C ARG A 520 -4.31 36.31 17.17
N ALA A 521 -4.36 37.62 16.96
CA ALA A 521 -5.63 38.30 16.81
C ALA A 521 -6.27 37.90 15.48
N VAL A 522 -7.59 37.74 15.49
CA VAL A 522 -8.36 37.44 14.30
C VAL A 522 -9.25 38.63 14.00
N TYR A 523 -9.18 39.12 12.76
CA TYR A 523 -9.92 40.31 12.36
C TYR A 523 -10.91 39.97 11.27
N GLY A 524 -12.00 40.74 11.22
CA GLY A 524 -12.92 40.64 10.10
C GLY A 524 -12.44 41.40 8.89
N PRO A 525 -13.24 41.35 7.82
CA PRO A 525 -12.81 41.94 6.54
C PRO A 525 -12.61 43.44 6.58
N LYS A 526 -13.21 44.15 7.53
CA LYS A 526 -13.02 45.59 7.66
C LYS A 526 -12.18 45.96 8.88
N GLY A 527 -11.45 45.00 9.45
CA GLY A 527 -10.51 45.28 10.51
C GLY A 527 -11.05 45.15 11.92
N LYS A 528 -12.29 44.72 12.09
CA LYS A 528 -12.84 44.56 13.43
C LYS A 528 -12.19 43.36 14.11
N LEU A 529 -11.71 43.57 15.34
CA LEU A 529 -11.20 42.46 16.14
C LEU A 529 -12.34 41.50 16.49
N LEU A 530 -12.19 40.23 16.12
CA LEU A 530 -13.19 39.21 16.41
C LEU A 530 -12.84 38.33 17.61
N GLY A 531 -11.56 38.23 17.93
CA GLY A 531 -11.09 37.35 18.98
C GLY A 531 -9.65 36.99 18.71
N HIS A 532 -9.19 35.96 19.43
CA HIS A 532 -7.84 35.45 19.28
C HIS A 532 -7.90 33.94 19.11
N ALA A 533 -6.91 33.41 18.39
CA ALA A 533 -6.82 31.97 18.16
C ALA A 533 -5.42 31.49 18.53
N SER A 534 -5.35 30.33 19.16
CA SER A 534 -4.07 29.78 19.60
C SER A 534 -3.17 29.44 18.41
N LEU A 535 -1.86 29.50 18.64
CA LEU A 535 -0.87 29.06 17.66
C LEU A 535 -0.25 27.76 18.17
N SER A 536 -0.65 26.65 17.56
CA SER A 536 -0.22 25.33 18.01
C SER A 536 1.24 25.08 17.62
N ASN A 537 1.87 24.16 18.35
CA ASN A 537 3.26 23.80 18.07
C ASN A 537 3.43 22.28 18.06
N ARG A 538 4.67 21.81 17.94
CA ARG A 538 4.93 20.38 17.83
CA ARG A 538 4.88 20.37 17.81
C ARG A 538 4.52 19.64 19.10
N LYS A 539 4.69 20.28 20.26
CA LYS A 539 4.32 19.64 21.52
C LYS A 539 2.80 19.46 21.60
N ASP A 540 2.02 20.43 21.10
CA ASP A 540 0.58 20.24 21.03
C ASP A 540 0.23 19.04 20.15
N LEU A 541 0.86 18.96 18.98
CA LEU A 541 0.63 17.81 18.10
C LEU A 541 0.97 16.51 18.81
N ARG A 542 2.09 16.50 19.53
CA ARG A 542 2.46 15.30 20.30
C ARG A 542 1.38 14.93 21.30
N ASN A 543 0.84 15.92 22.02
CA ASN A 543 -0.25 15.65 22.96
C ASN A 543 -1.47 15.12 22.23
N ALA A 544 -1.77 15.66 21.05
CA ALA A 544 -2.89 15.15 20.27
C ALA A 544 -2.68 13.71 19.85
N VAL A 545 -1.45 13.36 19.43
CA VAL A 545 -1.19 11.97 19.04
C VAL A 545 -1.33 11.03 20.23
N GLU A 546 -0.86 11.46 21.41
CA GLU A 546 -1.07 10.65 22.61
C GLU A 546 -2.55 10.48 22.90
N ALA A 547 -3.33 11.55 22.73
CA ALA A 547 -4.78 11.42 22.96
C ALA A 547 -5.37 10.44 21.97
N MET A 548 -4.90 10.44 20.73
CA MET A 548 -5.43 9.51 19.75
C MET A 548 -5.03 8.08 20.09
N ASN A 549 -3.82 7.88 20.63
CA ASN A 549 -3.42 6.55 21.07
C ASN A 549 -4.32 6.04 22.20
N ALA A 550 -4.68 6.91 23.14
CA ALA A 550 -5.55 6.50 24.23
C ALA A 550 -6.96 6.16 23.73
N ALA A 551 -7.35 6.68 22.57
CA ALA A 551 -8.64 6.43 21.95
C ALA A 551 -8.62 5.29 20.94
N SER A 552 -7.66 4.37 21.07
CA SER A 552 -7.60 3.26 20.12
C SER A 552 -8.89 2.42 20.12
N GLY A 553 -9.63 2.42 21.22
CA GLY A 553 -10.89 1.67 21.25
C GLY A 553 -11.91 2.11 20.21
N TRP A 554 -11.84 3.37 19.77
CA TRP A 554 -12.77 3.86 18.76
C TRP A 554 -12.66 3.06 17.45
N SER A 555 -11.45 2.62 17.11
CA SER A 555 -11.21 1.86 15.89
C SER A 555 -11.77 0.44 15.98
N ARG A 556 -12.27 0.01 17.14
CA ARG A 556 -12.92 -1.28 17.30
C ARG A 556 -14.40 -1.15 17.64
N THR A 557 -14.98 0.03 17.51
CA THR A 557 -16.41 0.23 17.75
C THR A 557 -17.23 -0.34 16.60
N THR A 558 -18.53 -0.52 16.85
CA THR A 558 -19.46 -0.88 15.79
C THR A 558 -19.76 0.32 14.93
N GLY A 559 -20.09 0.06 13.66
CA GLY A 559 -20.56 1.13 12.79
C GLY A 559 -21.79 1.81 13.35
N HIS A 560 -22.69 1.03 13.96
CA HIS A 560 -23.89 1.58 14.57
C HIS A 560 -23.55 2.63 15.61
N LEU A 561 -22.57 2.34 16.49
CA LEU A 561 -22.19 3.30 17.51
C LEU A 561 -21.63 4.57 16.87
N ARG A 562 -20.76 4.42 15.86
CA ARG A 562 -20.17 5.59 15.25
C ARG A 562 -21.22 6.42 14.52
N ALA A 563 -22.22 5.77 13.93
CA ALA A 563 -23.29 6.50 13.27
C ALA A 563 -24.06 7.34 14.27
N GLN A 564 -24.37 6.78 15.44
CA GLN A 564 -25.09 7.53 16.47
C GLN A 564 -24.35 8.80 16.86
N ILE A 565 -23.02 8.69 17.04
CA ILE A 565 -22.24 9.86 17.42
C ILE A 565 -22.30 10.92 16.33
N LEU A 566 -22.14 10.51 15.07
CA LEU A 566 -22.18 11.47 13.98
C LEU A 566 -23.56 12.10 13.86
N TYR A 567 -24.62 11.32 14.06
CA TYR A 567 -25.96 11.90 14.08
C TYR A 567 -26.08 12.97 15.17
N PHE A 568 -25.50 12.71 16.35
CA PHE A 568 -25.54 13.72 17.41
C PHE A 568 -24.78 14.98 16.99
N ILE A 569 -23.61 14.82 16.36
CA ILE A 569 -22.87 16.00 15.92
C ILE A 569 -23.70 16.79 14.91
N GLY A 570 -24.33 16.10 13.96
CA GLY A 570 -25.19 16.80 13.01
C GLY A 570 -26.35 17.52 13.67
N GLU A 571 -27.01 16.86 14.61
CA GLU A 571 -28.13 17.48 15.33
C GLU A 571 -27.67 18.70 16.12
N ASN A 572 -26.54 18.58 16.80
CA ASN A 572 -26.10 19.64 17.68
C ASN A 572 -25.53 20.82 16.90
N LEU A 573 -24.94 20.57 15.73
CA LEU A 573 -24.60 21.69 14.84
C LEU A 573 -25.85 22.39 14.35
N SER A 574 -26.87 21.60 13.98
CA SER A 574 -28.11 22.18 13.48
CA SER A 574 -28.11 22.20 13.47
C SER A 574 -28.74 23.10 14.51
N ALA A 575 -28.68 22.71 15.79
CA ALA A 575 -29.25 23.53 16.85
C ALA A 575 -28.52 24.86 16.99
N ARG A 576 -27.29 24.98 16.50
CA ARG A 576 -26.55 26.23 16.55
C ARG A 576 -26.32 26.84 15.16
N ALA A 577 -27.19 26.50 14.19
CA ALA A 577 -26.88 26.81 12.79
C ALA A 577 -26.75 28.31 12.56
N ASP A 578 -27.68 29.10 13.10
CA ASP A 578 -27.60 30.55 12.91
C ASP A 578 -26.32 31.10 13.49
N GLU A 579 -25.91 30.61 14.66
CA GLU A 579 -24.71 31.12 15.30
C GLU A 579 -23.48 30.83 14.47
N PHE A 580 -23.37 29.62 13.92
CA PHE A 580 -22.22 29.31 13.08
C PHE A 580 -22.24 30.11 11.79
N ALA A 581 -23.43 30.34 11.22
CA ALA A 581 -23.49 31.18 10.02
C ALA A 581 -23.01 32.59 10.31
N ASN A 582 -23.39 33.14 11.47
CA ASN A 582 -22.96 34.48 11.84
C ASN A 582 -21.45 34.55 12.06
N ARG A 583 -20.88 33.50 12.65
CA ARG A 583 -19.43 33.49 12.84
C ARG A 583 -18.72 33.48 11.51
N ILE A 584 -19.21 32.70 10.56
CA ILE A 584 -18.59 32.64 9.24
C ILE A 584 -18.69 33.99 8.54
N LYS A 585 -19.87 34.63 8.62
CA LYS A 585 -20.02 35.95 8.03
C LYS A 585 -19.14 36.98 8.72
N ASP A 586 -19.01 36.90 10.06
CA ASP A 586 -18.10 37.80 10.78
C ASP A 586 -16.68 37.70 10.22
N MET A 587 -16.22 36.47 9.98
CA MET A 587 -14.84 36.26 9.57
C MET A 587 -14.63 36.57 8.09
N THR A 588 -15.59 36.24 7.23
CA THR A 588 -15.36 36.30 5.79
C THR A 588 -16.10 37.41 5.07
N GLY A 589 -17.12 38.00 5.68
CA GLY A 589 -17.95 39.00 5.02
C GLY A 589 -19.04 38.44 4.14
N LYS A 590 -19.11 37.13 3.99
CA LYS A 590 -20.10 36.50 3.13
C LYS A 590 -21.03 35.64 3.96
N ASP A 591 -22.30 35.60 3.55
CA ASP A 591 -23.30 34.86 4.33
C ASP A 591 -22.88 33.39 4.49
N GLY A 592 -23.05 32.87 5.69
CA GLY A 592 -22.61 31.51 6.00
C GLY A 592 -23.68 30.45 6.08
N LYS A 593 -24.94 30.78 5.77
CA LYS A 593 -26.01 29.79 5.94
C LYS A 593 -25.82 28.58 5.03
N ALA A 594 -25.42 28.79 3.78
CA ALA A 594 -25.26 27.68 2.86
C ALA A 594 -24.12 26.77 3.29
N GLU A 595 -23.05 27.36 3.82
CA GLU A 595 -21.93 26.55 4.28
C GLU A 595 -22.32 25.71 5.49
N VAL A 596 -23.10 26.29 6.41
CA VAL A 596 -23.55 25.54 7.58
C VAL A 596 -24.48 24.41 7.17
N ALA A 597 -25.40 24.68 6.24
CA ALA A 597 -26.31 23.62 5.78
C ALA A 597 -25.54 22.49 5.12
N ALA A 598 -24.51 22.82 4.33
CA ALA A 598 -23.69 21.80 3.71
C ALA A 598 -22.93 21.00 4.76
N SER A 599 -22.43 21.67 5.80
CA SER A 599 -21.69 20.98 6.86
C SER A 599 -22.60 19.99 7.58
N ILE A 600 -23.81 20.40 7.91
CA ILE A 600 -24.80 19.49 8.47
C ILE A 600 -25.00 18.30 7.54
N ASP A 601 -25.15 18.57 6.25
CA ASP A 601 -25.39 17.50 5.29
C ASP A 601 -24.21 16.52 5.25
N ARG A 602 -22.98 17.02 5.33
CA ARG A 602 -21.81 16.13 5.31
C ARG A 602 -21.80 15.21 6.53
N LEU A 603 -22.19 15.75 7.69
CA LEU A 603 -22.28 14.95 8.90
C LEU A 603 -23.31 13.84 8.76
N PHE A 604 -24.47 14.15 8.20
CA PHE A 604 -25.50 13.13 8.07
C PHE A 604 -25.15 12.13 6.99
N SER A 605 -24.42 12.54 5.95
CA SER A 605 -23.93 11.56 4.98
C SER A 605 -22.88 10.65 5.61
N ALA A 606 -22.00 11.21 6.44
CA ALA A 606 -21.01 10.37 7.12
C ALA A 606 -21.68 9.44 8.13
N ALA A 607 -22.66 9.96 8.88
CA ALA A 607 -23.44 9.09 9.76
C ALA A 607 -24.08 7.96 8.98
N ALA A 608 -24.64 8.28 7.81
CA ALA A 608 -25.27 7.26 6.99
C ALA A 608 -24.29 6.16 6.61
N TRP A 609 -23.08 6.53 6.24
CA TRP A 609 -22.08 5.58 5.74
C TRP A 609 -21.45 4.74 6.83
N ALA A 610 -21.50 5.19 8.09
CA ALA A 610 -20.69 4.58 9.14
C ALA A 610 -20.91 3.07 9.25
N ASP A 611 -22.13 2.59 8.99
CA ASP A 611 -22.40 1.16 9.08
C ASP A 611 -22.81 0.57 7.75
N LYS A 612 -22.36 1.17 6.63
CA LYS A 612 -22.79 0.74 5.31
C LYS A 612 -21.68 0.61 4.28
N TYR A 613 -20.41 0.81 4.66
CA TYR A 613 -19.30 0.75 3.71
C TYR A 613 -18.79 -0.69 3.74
N ASP A 614 -19.35 -1.54 2.88
CA ASP A 614 -19.21 -2.98 3.03
C ASP A 614 -17.91 -3.50 2.43
N GLY A 615 -17.33 -4.51 3.08
CA GLY A 615 -16.32 -5.32 2.45
C GLY A 615 -16.92 -6.15 1.32
N GLN A 616 -16.03 -6.78 0.55
CA GLN A 616 -16.41 -7.47 -0.68
C GLN A 616 -15.95 -8.92 -0.61
N VAL A 617 -16.86 -9.84 -0.91
CA VAL A 617 -16.56 -11.27 -0.92
C VAL A 617 -16.12 -11.67 -2.32
N LYS A 618 -14.91 -12.22 -2.44
CA LYS A 618 -14.36 -12.66 -3.72
C LYS A 618 -14.52 -14.17 -3.88
N GLY A 619 -15.23 -14.57 -4.92
CA GLY A 619 -15.12 -15.94 -5.40
C GLY A 619 -13.73 -16.10 -5.99
N VAL A 620 -13.05 -17.16 -5.59
CA VAL A 620 -11.72 -17.43 -6.13
C VAL A 620 -11.71 -18.88 -6.62
N PRO A 621 -10.93 -19.20 -7.64
CA PRO A 621 -10.84 -20.57 -8.11
C PRO A 621 -9.97 -21.47 -7.24
N LEU A 622 -9.62 -21.01 -6.05
CA LEU A 622 -8.88 -21.75 -5.05
C LEU A 622 -9.84 -22.16 -3.92
N ARG A 623 -9.29 -22.79 -2.88
CA ARG A 623 -10.09 -23.18 -1.72
C ARG A 623 -10.76 -21.97 -1.10
N GLY A 624 -12.07 -22.05 -0.91
CA GLY A 624 -12.75 -21.07 -0.08
C GLY A 624 -13.04 -19.76 -0.79
N VAL A 625 -13.07 -18.69 0.00
CA VAL A 625 -13.39 -17.34 -0.48
C VAL A 625 -12.41 -16.38 0.17
N ALA A 626 -12.24 -15.24 -0.48
CA ALA A 626 -11.40 -14.15 0.02
C ALA A 626 -12.32 -13.00 0.41
N LEU A 627 -12.22 -12.56 1.66
CA LEU A 627 -13.06 -11.49 2.18
C LEU A 627 -12.23 -10.21 2.20
N ALA A 628 -12.51 -9.29 1.27
CA ALA A 628 -11.78 -8.03 1.17
C ALA A 628 -12.49 -7.05 2.11
N MET A 629 -12.04 -7.05 3.36
CA MET A 629 -12.69 -6.28 4.41
C MET A 629 -12.23 -4.83 4.39
N LYS A 630 -13.08 -3.95 4.91
CA LYS A 630 -12.70 -2.56 5.14
C LYS A 630 -12.31 -2.39 6.60
N GLU A 631 -11.15 -1.77 6.84
CA GLU A 631 -10.70 -1.46 8.19
C GLU A 631 -10.29 -0.01 8.28
N PRO A 632 -10.23 0.54 9.50
CA PRO A 632 -9.73 1.91 9.64
C PRO A 632 -8.26 2.01 9.25
N VAL A 633 -7.88 3.20 8.77
CA VAL A 633 -6.47 3.51 8.61
C VAL A 633 -5.80 3.64 9.97
N GLY A 634 -6.48 4.30 10.92
CA GLY A 634 -5.93 4.41 12.25
C GLY A 634 -5.96 5.84 12.72
N LYS A 635 -4.80 6.49 12.74
CA LYS A 635 -4.67 7.86 13.21
C LYS A 635 -4.30 8.72 12.01
N ILE A 636 -5.06 9.79 11.78
CA ILE A 636 -4.90 10.61 10.59
C ILE A 636 -4.69 12.05 11.04
N GLY A 637 -3.63 12.68 10.52
CA GLY A 637 -3.42 14.12 10.70
C GLY A 637 -3.90 14.83 9.46
N ILE A 638 -4.70 15.89 9.67
CA ILE A 638 -5.41 16.55 8.58
C ILE A 638 -5.15 18.04 8.65
N LEU A 639 -4.76 18.66 7.53
CA LEU A 639 -4.63 20.10 7.46
C LEU A 639 -5.71 20.63 6.52
N CYS A 640 -6.58 21.50 7.05
CA CYS A 640 -7.77 22.03 6.40
C CYS A 640 -7.45 23.26 5.54
N PRO A 641 -8.20 23.50 4.47
CA PRO A 641 -7.95 24.69 3.65
C PRO A 641 -8.38 25.96 4.38
N ASP A 642 -7.86 27.09 3.88
CA ASP A 642 -8.29 28.39 4.41
C ASP A 642 -9.78 28.59 4.20
N ALA A 643 -10.24 28.45 2.96
CA ALA A 643 -11.63 28.65 2.63
C ALA A 643 -12.49 27.58 3.31
N ALA A 644 -13.77 27.90 3.45
CA ALA A 644 -14.76 27.02 4.06
C ALA A 644 -14.35 26.74 5.50
N PRO A 645 -14.35 27.76 6.36
CA PRO A 645 -13.81 27.60 7.72
C PRO A 645 -14.48 26.52 8.56
N LEU A 646 -15.76 26.25 8.31
CA LEU A 646 -16.46 25.14 8.96
C LEU A 646 -16.56 23.92 8.06
N LEU A 647 -17.00 24.11 6.81
CA LEU A 647 -17.27 23.00 5.92
C LEU A 647 -16.02 22.20 5.60
N GLY A 648 -14.89 22.89 5.42
CA GLY A 648 -13.65 22.17 5.15
C GLY A 648 -13.29 21.23 6.29
N LEU A 649 -13.39 21.72 7.53
CA LEU A 649 -13.06 20.88 8.66
C LEU A 649 -14.04 19.73 8.82
N VAL A 650 -15.34 20.02 8.77
CA VAL A 650 -16.36 18.99 8.98
C VAL A 650 -16.31 17.96 7.87
N SER A 651 -16.07 18.39 6.62
CA SER A 651 -16.08 17.48 5.49
C SER A 651 -14.96 16.46 5.57
N LEU A 652 -13.84 16.82 6.19
CA LEU A 652 -12.71 15.92 6.32
C LEU A 652 -12.83 15.05 7.57
N MET A 653 -13.26 15.68 8.67
CA MET A 653 -13.42 14.97 9.94
C MET A 653 -14.46 13.87 9.84
N ALA A 654 -15.64 14.20 9.28
CA ALA A 654 -16.79 13.30 9.45
C ALA A 654 -16.62 11.95 8.77
N PRO A 655 -16.27 11.85 7.48
CA PRO A 655 -16.06 10.51 6.92
C PRO A 655 -14.91 9.78 7.58
N ALA A 656 -13.88 10.50 8.01
CA ALA A 656 -12.75 9.85 8.67
C ALA A 656 -13.19 9.15 9.95
N ILE A 657 -13.90 9.86 10.83
CA ILE A 657 -14.29 9.17 12.06
C ILE A 657 -15.41 8.17 11.83
N ALA A 658 -16.25 8.37 10.81
CA ALA A 658 -17.27 7.38 10.47
C ALA A 658 -16.66 6.02 10.17
N MET A 659 -15.47 6.01 9.57
CA MET A 659 -14.77 4.79 9.22
C MET A 659 -13.92 4.25 10.36
N GLY A 660 -13.99 4.86 11.54
CA GLY A 660 -13.31 4.31 12.68
C GLY A 660 -11.93 4.85 12.93
N ASN A 661 -11.55 5.92 12.26
CA ASN A 661 -10.28 6.58 12.51
C ASN A 661 -10.39 7.58 13.64
N ARG A 662 -9.25 7.89 14.24
CA ARG A 662 -9.10 9.06 15.09
C ARG A 662 -8.34 10.10 14.31
N VAL A 663 -8.65 11.37 14.55
CA VAL A 663 -8.14 12.44 13.70
C VAL A 663 -7.63 13.59 14.55
N THR A 664 -6.63 14.26 14.02
CA THR A 664 -6.20 15.57 14.50
C THR A 664 -6.21 16.51 13.32
N LEU A 665 -7.00 17.59 13.42
CA LEU A 665 -7.19 18.51 12.31
C LEU A 665 -6.55 19.85 12.65
N ALA A 666 -5.77 20.38 11.70
CA ALA A 666 -5.36 21.77 11.72
C ALA A 666 -6.42 22.58 10.98
N ALA A 667 -7.16 23.38 11.74
CA ALA A 667 -8.26 24.12 11.16
C ALA A 667 -7.75 25.22 10.24
N SER A 668 -8.67 25.78 9.45
CA SER A 668 -8.38 26.91 8.56
C SER A 668 -7.47 27.93 9.21
N GLU A 669 -6.30 28.15 8.60
CA GLU A 669 -5.35 29.11 9.17
C GLU A 669 -5.91 30.52 9.12
N ALA A 670 -6.58 30.89 8.03
CA ALA A 670 -7.09 32.25 7.90
C ALA A 670 -8.26 32.50 8.83
N PHE A 671 -9.15 31.52 8.99
CA PHE A 671 -10.45 31.71 9.62
C PHE A 671 -10.71 30.63 10.67
N PRO A 672 -10.03 30.69 11.82
CA PRO A 672 -10.05 29.52 12.73
C PRO A 672 -11.23 29.46 13.69
N LEU A 673 -12.06 30.50 13.78
CA LEU A 673 -12.98 30.61 14.90
C LEU A 673 -14.27 29.80 14.71
N ALA A 674 -14.58 29.36 13.49
CA ALA A 674 -15.68 28.41 13.35
C ALA A 674 -15.30 27.06 13.94
N ALA A 675 -14.08 26.61 13.67
CA ALA A 675 -13.61 25.36 14.27
C ALA A 675 -13.57 25.44 15.79
N THR A 676 -13.18 26.59 16.34
CA THR A 676 -13.12 26.64 17.80
C THR A 676 -14.52 26.70 18.41
N ASP A 677 -15.48 27.35 17.74
CA ASP A 677 -16.87 27.22 18.18
C ASP A 677 -17.34 25.77 18.14
N PHE A 678 -16.73 24.95 17.29
CA PHE A 678 -17.19 23.58 17.10
C PHE A 678 -16.80 22.67 18.27
N TYR A 679 -15.85 23.11 19.11
CA TYR A 679 -15.47 22.33 20.29
C TYR A 679 -16.70 21.97 21.12
N GLN A 680 -17.56 22.97 21.37
CA GLN A 680 -18.78 22.72 22.15
C GLN A 680 -19.67 21.67 21.49
N VAL A 681 -19.71 21.65 20.16
CA VAL A 681 -20.52 20.65 19.48
C VAL A 681 -19.96 19.25 19.74
N LEU A 682 -18.63 19.10 19.67
CA LEU A 682 -18.01 17.82 19.95
C LEU A 682 -18.29 17.38 21.38
N ASP A 683 -18.19 18.30 22.34
CA ASP A 683 -18.47 17.98 23.73
CA ASP A 683 -18.47 17.98 23.73
C ASP A 683 -19.93 17.60 23.93
N THR A 684 -20.85 18.40 23.38
CA THR A 684 -22.28 18.12 23.55
C THR A 684 -22.68 16.81 22.90
N SER A 685 -21.94 16.36 21.89
CA SER A 685 -22.27 15.16 21.15
C SER A 685 -21.62 13.90 21.71
N ASP A 686 -20.91 14.03 22.84
CA ASP A 686 -20.29 12.88 23.51
C ASP A 686 -19.28 12.17 22.61
N VAL A 687 -18.55 12.94 21.80
CA VAL A 687 -17.46 12.37 21.02
C VAL A 687 -16.40 11.87 21.99
N PRO A 688 -16.03 10.59 21.97
CA PRO A 688 -15.06 10.09 22.95
C PRO A 688 -13.74 10.83 22.87
N ALA A 689 -13.13 11.02 24.04
CA ALA A 689 -11.88 11.76 24.15
C ALA A 689 -10.84 11.21 23.18
N GLY A 690 -10.20 12.11 22.43
CA GLY A 690 -9.12 11.73 21.53
C GLY A 690 -9.54 11.31 20.14
N VAL A 691 -10.83 11.12 19.89
CA VAL A 691 -11.30 10.73 18.57
C VAL A 691 -11.24 11.91 17.60
N VAL A 692 -11.53 13.12 18.07
CA VAL A 692 -11.38 14.33 17.27
C VAL A 692 -10.57 15.32 18.08
N ASN A 693 -9.44 15.75 17.52
CA ASN A 693 -8.59 16.75 18.14
C ASN A 693 -8.40 17.87 17.14
N ILE A 694 -8.41 19.13 17.61
CA ILE A 694 -8.34 20.28 16.71
C ILE A 694 -7.23 21.20 17.15
N LEU A 695 -6.34 21.53 16.22
CA LEU A 695 -5.28 22.50 16.40
C LEU A 695 -5.57 23.71 15.54
N THR A 696 -5.25 24.90 16.05
CA THR A 696 -5.31 26.11 15.25
C THR A 696 -3.90 26.66 15.10
N GLY A 697 -3.70 27.50 14.09
CA GLY A 697 -2.44 28.20 13.94
C GLY A 697 -1.88 28.10 12.53
N ALA A 698 -0.57 28.30 12.43
CA ALA A 698 0.10 28.43 11.14
C ALA A 698 0.45 27.06 10.58
N HIS A 699 -0.04 26.75 9.39
CA HIS A 699 0.26 25.46 8.81
C HIS A 699 1.72 25.30 8.44
N ALA A 700 2.46 26.40 8.23
CA ALA A 700 3.90 26.29 8.08
C ALA A 700 4.57 25.70 9.33
N ASP A 701 3.97 25.89 10.50
CA ASP A 701 4.52 25.30 11.72
C ASP A 701 4.15 23.82 11.85
N LEU A 702 3.05 23.39 11.24
CA LEU A 702 2.45 22.11 11.55
C LEU A 702 2.62 21.07 10.45
N ALA A 703 2.74 21.49 9.19
CA ALA A 703 2.68 20.55 8.07
C ALA A 703 3.78 19.51 8.15
N GLU A 704 5.04 19.93 8.28
CA GLU A 704 6.09 18.91 8.31
C GLU A 704 6.01 18.04 9.57
N PRO A 705 5.78 18.59 10.78
CA PRO A 705 5.64 17.71 11.94
C PRO A 705 4.54 16.67 11.79
N MET A 706 3.40 17.05 11.21
CA MET A 706 2.32 16.08 11.04
C MET A 706 2.69 15.03 10.00
N ALA A 707 3.33 15.44 8.90
CA ALA A 707 3.68 14.49 7.85
C ALA A 707 4.79 13.55 8.30
N ARG A 708 5.70 14.05 9.14
CA ARG A 708 6.82 13.24 9.60
CA ARG A 708 6.82 13.24 9.60
C ARG A 708 6.43 12.27 10.71
N HIS A 709 5.42 12.63 11.51
CA HIS A 709 5.18 11.93 12.78
C HIS A 709 5.12 10.42 12.62
N LEU A 710 5.98 9.71 13.36
CA LEU A 710 6.10 8.27 13.15
C LEU A 710 4.95 7.48 13.76
N ASP A 711 4.09 8.14 14.55
CA ASP A 711 2.95 7.47 15.16
C ASP A 711 1.63 7.85 14.50
N LEU A 712 1.68 8.51 13.33
CA LEU A 712 0.49 8.75 12.52
C LEU A 712 0.46 7.79 11.33
N ASP A 713 -0.75 7.31 10.99
CA ASP A 713 -0.90 6.35 9.90
C ASP A 713 -1.17 7.00 8.54
N ALA A 714 -1.57 8.27 8.51
CA ALA A 714 -1.86 8.96 7.27
C ALA A 714 -1.82 10.45 7.56
N VAL A 715 -1.47 11.22 6.54
CA VAL A 715 -1.51 12.68 6.59
C VAL A 715 -2.28 13.16 5.38
N TRP A 716 -3.27 14.01 5.62
CA TRP A 716 -4.03 14.66 4.56
C TRP A 716 -3.70 16.15 4.61
N GLY A 717 -2.96 16.63 3.61
CA GLY A 717 -2.62 18.04 3.59
C GLY A 717 -3.40 18.77 2.51
N LEU A 718 -4.50 19.44 2.88
CA LEU A 718 -5.35 20.08 1.89
C LEU A 718 -5.18 21.60 1.89
N SER A 719 -4.07 22.10 2.43
CA SER A 719 -3.78 23.53 2.44
C SER A 719 -2.45 23.84 1.77
N GLY A 720 -1.93 22.93 0.95
CA GLY A 720 -0.64 23.11 0.32
C GLY A 720 0.45 22.35 1.05
N HIS A 721 1.69 22.83 0.88
CA HIS A 721 2.88 22.16 1.42
C HIS A 721 3.03 20.73 0.91
N ALA A 722 2.59 20.46 -0.32
CA ALA A 722 2.50 19.08 -0.77
C ALA A 722 3.88 18.42 -0.85
N GLN A 723 4.89 19.14 -1.36
CA GLN A 723 6.22 18.53 -1.46
C GLN A 723 6.78 18.17 -0.09
N VAL A 724 6.71 19.12 0.85
CA VAL A 724 7.22 18.87 2.19
C VAL A 724 6.48 17.71 2.84
N ILE A 725 5.14 17.71 2.73
CA ILE A 725 4.33 16.67 3.35
C ILE A 725 4.65 15.31 2.73
N GLU A 726 4.68 15.24 1.41
CA GLU A 726 4.90 13.94 0.77
C GLU A 726 6.33 13.44 1.00
N ALA A 727 7.32 14.34 1.03
CA ALA A 727 8.68 13.92 1.33
C ALA A 727 8.79 13.44 2.78
N ALA A 728 8.22 14.18 3.71
CA ALA A 728 8.33 13.81 5.11
C ALA A 728 7.58 12.52 5.42
N SER A 729 6.55 12.20 4.64
CA SER A 729 5.77 10.99 4.88
C SER A 729 6.59 9.72 4.68
N ALA A 730 7.75 9.83 4.01
CA ALA A 730 8.58 8.65 3.78
C ALA A 730 9.17 8.09 5.08
N GLY A 731 9.18 8.87 6.16
CA GLY A 731 9.77 8.41 7.41
C GLY A 731 9.21 7.08 7.87
N ASN A 732 7.88 7.00 8.00
CA ASN A 732 7.22 5.73 8.27
C ASN A 732 6.35 5.24 7.13
N LEU A 733 6.45 5.89 5.96
CA LEU A 733 5.69 5.50 4.77
C LEU A 733 4.18 5.50 5.01
N LYS A 734 3.72 6.44 5.84
CA LYS A 734 2.29 6.63 6.02
C LYS A 734 1.64 7.00 4.69
N ARG A 735 0.35 6.74 4.60
CA ARG A 735 -0.38 7.19 3.43
C ARG A 735 -0.49 8.70 3.48
N SER A 736 -0.56 9.31 2.29
CA SER A 736 -0.68 10.76 2.21
C SER A 736 -1.68 11.10 1.12
N TRP A 737 -2.39 12.20 1.33
CA TRP A 737 -3.30 12.74 0.33
C TRP A 737 -3.13 14.25 0.37
N THR A 738 -2.75 14.87 -0.75
CA THR A 738 -2.59 16.31 -0.79
C THR A 738 -3.56 16.98 -1.75
N GLY A 739 -4.69 16.34 -2.00
CA GLY A 739 -5.72 16.95 -2.81
C GLY A 739 -5.72 16.42 -4.23
N PRO A 740 -6.49 17.06 -5.12
CA PRO A 740 -7.31 18.26 -4.86
C PRO A 740 -8.48 18.01 -3.92
N PHE A 741 -8.87 19.06 -3.20
CA PHE A 741 -10.01 19.00 -2.29
C PHE A 741 -10.75 20.32 -2.37
N ASP A 742 -11.96 20.28 -2.90
CA ASP A 742 -12.82 21.45 -2.96
C ASP A 742 -13.95 21.26 -1.97
N PRO A 743 -13.99 22.02 -0.87
CA PRO A 743 -15.04 21.80 0.14
C PRO A 743 -16.45 21.99 -0.40
N ALA A 744 -16.63 22.81 -1.45
CA ALA A 744 -17.95 22.96 -2.05
C ALA A 744 -18.43 21.66 -2.70
N HIS A 745 -17.49 20.81 -3.11
CA HIS A 745 -17.80 19.52 -3.71
C HIS A 745 -18.07 18.50 -2.62
N ASP A 746 -19.00 17.58 -2.84
CA ASP A 746 -19.22 16.51 -1.86
C ASP A 746 -18.27 15.38 -2.23
N HIS A 747 -17.16 15.28 -1.48
CA HIS A 747 -16.13 14.28 -1.63
C HIS A 747 -16.35 13.03 -0.77
N THR A 748 -17.50 12.92 -0.07
CA THR A 748 -17.66 11.92 0.98
C THR A 748 -17.19 10.53 0.53
N ARG A 749 -17.72 10.05 -0.59
CA ARG A 749 -17.44 8.70 -1.04
C ARG A 749 -15.95 8.49 -1.28
N ASP A 750 -15.31 9.45 -1.97
CA ASP A 750 -13.86 9.36 -2.18
C ASP A 750 -13.10 9.37 -0.86
N ILE A 751 -13.53 10.21 0.10
CA ILE A 751 -12.82 10.28 1.37
C ILE A 751 -12.90 8.96 2.14
N LEU A 752 -14.03 8.24 2.03
CA LEU A 752 -14.12 6.93 2.67
C LEU A 752 -12.98 6.02 2.23
N SER A 753 -12.58 6.12 0.97
CA SER A 753 -11.47 5.31 0.47
C SER A 753 -10.14 5.77 1.07
N HIS A 754 -9.91 7.10 1.17
CA HIS A 754 -8.72 7.60 1.85
C HIS A 754 -8.69 7.17 3.31
N ALA A 755 -9.86 6.95 3.91
CA ALA A 755 -10.02 6.68 5.34
C ALA A 755 -10.07 5.21 5.69
N THR A 756 -9.89 4.30 4.73
CA THR A 756 -9.96 2.87 5.03
C THR A 756 -8.78 2.15 4.41
N GLU A 757 -8.47 0.99 4.98
CA GLU A 757 -7.55 0.03 4.39
C GLU A 757 -8.34 -1.21 4.01
N VAL A 758 -7.85 -1.93 3.01
CA VAL A 758 -8.45 -3.21 2.64
C VAL A 758 -7.59 -4.31 3.27
N LYS A 759 -8.22 -5.21 4.01
CA LYS A 759 -7.55 -6.39 4.56
C LYS A 759 -8.29 -7.61 4.06
N THR A 760 -7.59 -8.46 3.30
CA THR A 760 -8.23 -9.59 2.65
C THR A 760 -7.98 -10.84 3.48
N ILE A 761 -9.06 -11.44 4.00
CA ILE A 761 -9.00 -12.61 4.85
C ILE A 761 -9.46 -13.81 4.02
N TRP A 762 -8.61 -14.81 3.90
CA TRP A 762 -8.93 -15.99 3.11
C TRP A 762 -9.45 -17.08 4.04
N VAL A 763 -10.71 -17.48 3.82
CA VAL A 763 -11.35 -18.41 4.74
CA VAL A 763 -11.46 -18.35 4.73
C VAL A 763 -11.85 -19.64 3.99
N PRO A 764 -11.93 -20.79 4.67
CA PRO A 764 -12.53 -21.97 4.03
C PRO A 764 -13.98 -21.67 3.68
N TYR A 765 -14.46 -22.28 2.60
CA TYR A 765 -15.86 -22.14 2.21
C TYR A 765 -16.23 -23.19 1.18
N GLY A 766 -17.35 -23.88 1.39
CA GLY A 766 -17.70 -25.00 0.55
C GLY A 766 -17.91 -24.67 -0.92
#